data_6N04
#
_entry.id   6N04
#
_cell.length_a   53.316
_cell.length_b   109.491
_cell.length_c   143.637
_cell.angle_alpha   90.000
_cell.angle_beta   90.000
_cell.angle_gamma   90.000
#
_symmetry.space_group_name_H-M   'P 21 21 21'
#
loop_
_entity.id
_entity.type
_entity.pdbx_description
1 polymer AbsH3
2 non-polymer 'FLAVIN-ADENINE DINUCLEOTIDE'
3 non-polymer 'CHLORIDE ION'
4 water water
#
_entity_poly.entity_id   1
_entity_poly.type   'polypeptide(L)'
_entity_poly.pdbx_seq_one_letter_code
;MHHHHHHSSGLVPRGSGMKETAAAKFERQHMDSPDLGTGGGSGIEGRMNTTDAKRAPRIAVVGGGLGGLALAGMLHRQGI
AATVYERDAGRAARTQGGTLDLRPESGQRALDELGLTEAFRADARPEGEELRILDPAGRTLVHRVPEPGGGSRPEIDRGA
LRELLLSKVPDEAVSWGRRLTGVEELPDGGHRLEFADGGHADCDILVGADGARSRVRLLLTDARPVHLSAYLQLAITDAD
RRRPRIAEFVGPGSLMALGDNLNLGAQRSGDGTIRVSVTTRVDADWVDRQGFGDAEWGDVVARLHELFAGWDAGLTSLID
ACDPGSLVGRNIEALPVGTRWPSRPDVTLLGDAAHLMPPVGEGANQAMLDGVLLARAFAQHRDDPAAAIAAYETEMFDRA
AVIGAKSARIESMGLAPDAAERLASYFNRMTAAS
;
_entity_poly.pdbx_strand_id   A,B
#
# COMPACT_ATOMS: atom_id res chain seq x y z
N ALA A 56 25.27 -3.43 12.90
CA ALA A 56 24.42 -4.61 13.03
C ALA A 56 23.76 -4.64 14.41
N PRO A 57 22.78 -3.77 14.62
CA PRO A 57 22.17 -3.65 15.96
C PRO A 57 21.39 -4.89 16.35
N ARG A 58 21.42 -5.23 17.64
CA ARG A 58 20.56 -6.30 18.15
C ARG A 58 19.18 -5.73 18.40
N ILE A 59 18.20 -6.18 17.62
CA ILE A 59 16.82 -5.70 17.72
C ILE A 59 16.01 -6.73 18.48
N ALA A 60 15.33 -6.27 19.54
CA ALA A 60 14.43 -7.11 20.32
C ALA A 60 13.00 -6.62 20.11
N VAL A 61 12.09 -7.55 19.86
CA VAL A 61 10.67 -7.28 19.69
C VAL A 61 9.97 -8.04 20.80
N VAL A 62 9.39 -7.31 21.76
CA VAL A 62 8.64 -7.94 22.83
C VAL A 62 7.20 -8.10 22.37
N GLY A 63 6.76 -9.34 22.20
CA GLY A 63 5.40 -9.62 21.78
C GLY A 63 5.33 -10.16 20.37
N GLY A 64 4.92 -11.43 20.25
CA GLY A 64 4.73 -12.07 18.96
C GLY A 64 3.28 -12.11 18.56
N GLY A 65 2.61 -10.96 18.62
CA GLY A 65 1.25 -10.81 18.13
C GLY A 65 1.27 -10.39 16.68
N LEU A 66 0.14 -9.82 16.24
CA LEU A 66 0.01 -9.45 14.84
C LEU A 66 1.08 -8.44 14.44
N GLY A 67 1.25 -7.39 15.24
CA GLY A 67 2.22 -6.37 14.90
C GLY A 67 3.65 -6.84 15.04
N GLY A 68 3.95 -7.54 16.14
CA GLY A 68 5.30 -7.99 16.36
C GLY A 68 5.77 -8.96 15.29
N LEU A 69 4.90 -9.88 14.87
CA LEU A 69 5.27 -10.83 13.83
C LEU A 69 5.39 -10.16 12.46
N ALA A 70 4.52 -9.18 12.18
CA ALA A 70 4.63 -8.46 10.91
C ALA A 70 5.95 -7.69 10.81
N LEU A 71 6.34 -7.03 11.90
CA LEU A 71 7.63 -6.37 11.96
C LEU A 71 8.76 -7.36 11.73
N ALA A 72 8.77 -8.46 12.48
CA ALA A 72 9.88 -9.41 12.38
C ALA A 72 9.95 -10.03 10.99
N GLY A 73 8.81 -10.40 10.43
CA GLY A 73 8.80 -10.95 9.09
C GLY A 73 9.29 -9.95 8.05
N MET A 74 8.90 -8.69 8.19
CA MET A 74 9.29 -7.70 7.19
C MET A 74 10.76 -7.32 7.34
N LEU A 75 11.27 -7.25 8.58
CA LEU A 75 12.70 -7.02 8.77
C LEU A 75 13.50 -8.15 8.12
N HIS A 76 13.11 -9.40 8.40
CA HIS A 76 13.78 -10.56 7.83
C HIS A 76 13.81 -10.48 6.31
N ARG A 77 12.71 -10.08 5.69
CA ARG A 77 12.68 -9.96 4.24
C ARG A 77 13.57 -8.84 3.74
N GLN A 78 13.94 -7.89 4.58
CA GLN A 78 14.88 -6.84 4.23
C GLN A 78 16.30 -7.16 4.65
N GLY A 79 16.55 -8.38 5.12
CA GLY A 79 17.88 -8.76 5.54
C GLY A 79 18.27 -8.35 6.94
N ILE A 80 17.30 -7.95 7.77
CA ILE A 80 17.58 -7.41 9.10
C ILE A 80 17.13 -8.41 10.15
N ALA A 81 18.07 -8.89 10.97
CA ALA A 81 17.76 -9.84 12.02
C ALA A 81 17.10 -9.16 13.22
N ALA A 82 16.18 -9.90 13.86
CA ALA A 82 15.53 -9.45 15.07
C ALA A 82 15.10 -10.68 15.87
N THR A 83 14.98 -10.52 17.18
CA THR A 83 14.49 -11.57 18.06
C THR A 83 13.14 -11.17 18.64
N VAL A 84 12.17 -12.10 18.58
CA VAL A 84 10.85 -11.89 19.16
C VAL A 84 10.80 -12.63 20.49
N TYR A 85 10.52 -11.91 21.57
CA TYR A 85 10.30 -12.51 22.88
C TYR A 85 8.81 -12.49 23.17
N GLU A 86 8.23 -13.69 23.39
CA GLU A 86 6.79 -13.86 23.50
C GLU A 86 6.48 -14.64 24.78
N ARG A 87 5.53 -14.12 25.57
CA ARG A 87 5.19 -14.76 26.84
C ARG A 87 4.54 -16.13 26.62
N ASP A 88 3.78 -16.30 25.53
CA ASP A 88 3.11 -17.57 25.26
C ASP A 88 4.10 -18.73 25.10
N ALA A 89 3.70 -19.90 25.59
CA ALA A 89 4.57 -21.06 25.56
C ALA A 89 4.81 -21.58 24.14
N GLY A 90 3.88 -21.34 23.22
CA GLY A 90 4.02 -21.86 21.89
C GLY A 90 3.19 -21.10 20.89
N ARG A 91 3.32 -21.48 19.61
CA ARG A 91 2.73 -20.70 18.54
C ARG A 91 1.20 -20.71 18.53
N ALA A 92 0.57 -21.61 19.27
CA ALA A 92 -0.88 -21.59 19.32
C ALA A 92 -1.35 -21.84 20.74
N ALA A 93 -0.57 -21.36 21.71
CA ALA A 93 -0.91 -21.57 23.11
C ALA A 93 -2.25 -20.96 23.48
N ARG A 94 -2.58 -19.80 22.88
N ARG A 94 -2.58 -19.81 22.88
CA ARG A 94 -3.82 -19.09 23.18
CA ARG A 94 -3.82 -19.09 23.16
C ARG A 94 -4.78 -19.24 22.00
C ARG A 94 -4.76 -19.27 21.99
N THR A 95 -5.94 -19.82 22.27
CA THR A 95 -6.96 -19.96 21.23
C THR A 95 -7.39 -18.59 20.72
N GLN A 96 -7.60 -18.48 19.42
CA GLN A 96 -8.00 -17.23 18.77
C GLN A 96 -9.12 -17.56 17.78
N GLY A 97 -10.35 -17.39 18.22
CA GLY A 97 -11.48 -17.65 17.36
C GLY A 97 -11.94 -16.43 16.60
N GLY A 98 -12.78 -16.67 15.61
CA GLY A 98 -13.39 -15.60 14.84
C GLY A 98 -12.59 -15.21 13.61
N THR A 99 -13.16 -14.24 12.90
CA THR A 99 -12.60 -13.75 11.65
C THR A 99 -12.32 -12.25 11.71
N LEU A 100 -11.37 -11.82 10.88
CA LEU A 100 -10.99 -10.43 10.71
C LEU A 100 -11.22 -10.02 9.27
N ASP A 101 -11.68 -8.80 9.08
CA ASP A 101 -11.72 -8.20 7.76
C ASP A 101 -10.46 -7.34 7.63
N LEU A 102 -9.63 -7.67 6.64
CA LEU A 102 -8.38 -6.95 6.41
C LEU A 102 -8.63 -5.88 5.35
N ARG A 103 -8.16 -4.66 5.62
CA ARG A 103 -8.43 -3.53 4.76
C ARG A 103 -7.31 -3.35 3.73
N PRO A 104 -7.67 -2.85 2.54
CA PRO A 104 -6.65 -2.69 1.48
C PRO A 104 -5.44 -1.87 1.90
N GLU A 105 -5.65 -0.73 2.57
CA GLU A 105 -4.55 0.17 2.90
C GLU A 105 -3.74 -0.27 4.12
N SER A 106 -4.20 -1.27 4.87
CA SER A 106 -3.52 -1.62 6.11
C SER A 106 -3.27 -3.11 6.18
N GLY A 107 -4.24 -3.88 6.67
CA GLY A 107 -4.03 -5.32 6.82
C GLY A 107 -3.62 -5.99 5.52
N GLN A 108 -4.30 -5.65 4.42
CA GLN A 108 -3.98 -6.26 3.14
C GLN A 108 -2.62 -5.78 2.62
N ARG A 109 -2.34 -4.49 2.74
CA ARG A 109 -1.04 -3.97 2.35
C ARG A 109 0.09 -4.71 3.07
N ALA A 110 -0.09 -4.97 4.37
CA ALA A 110 0.95 -5.69 5.12
C ALA A 110 1.19 -7.07 4.54
N LEU A 111 0.12 -7.85 4.33
CA LEU A 111 0.28 -9.18 3.75
C LEU A 111 0.91 -9.10 2.36
N ASP A 112 0.57 -8.06 1.59
CA ASP A 112 1.19 -7.87 0.28
C ASP A 112 2.69 -7.68 0.41
N GLU A 113 3.10 -6.78 1.32
CA GLU A 113 4.53 -6.51 1.45
C GLU A 113 5.26 -7.68 2.09
N LEU A 114 4.56 -8.49 2.89
CA LEU A 114 5.19 -9.67 3.47
C LEU A 114 5.34 -10.81 2.48
N GLY A 115 4.79 -10.66 1.27
CA GLY A 115 4.80 -11.73 0.28
C GLY A 115 3.71 -12.76 0.50
N LEU A 116 2.64 -12.41 1.21
CA LEU A 116 1.57 -13.33 1.57
C LEU A 116 0.27 -13.05 0.82
N THR A 117 0.32 -12.30 -0.28
CA THR A 117 -0.92 -11.98 -1.02
C THR A 117 -1.62 -13.24 -1.49
N GLU A 118 -0.89 -14.11 -2.19
CA GLU A 118 -1.47 -15.38 -2.65
C GLU A 118 -2.01 -16.19 -1.47
N ALA A 119 -1.20 -16.37 -0.43
CA ALA A 119 -1.60 -17.17 0.73
C ALA A 119 -2.88 -16.63 1.37
N PHE A 120 -3.02 -15.30 1.46
CA PHE A 120 -4.19 -14.70 2.09
C PHE A 120 -5.48 -15.18 1.45
N ARG A 121 -5.59 -15.08 0.13
CA ARG A 121 -6.78 -15.59 -0.54
C ARG A 121 -6.76 -17.12 -0.54
N GLY A 128 -22.04 -12.64 1.56
CA GLY A 128 -22.77 -11.48 2.04
C GLY A 128 -22.35 -10.98 3.41
N GLU A 129 -21.93 -9.71 3.47
CA GLU A 129 -21.61 -9.04 4.73
C GLU A 129 -22.69 -8.01 5.07
N GLU A 130 -23.95 -8.43 4.97
CA GLU A 130 -25.09 -7.60 5.33
C GLU A 130 -24.98 -7.11 6.78
N LEU A 131 -25.51 -5.90 7.03
CA LEU A 131 -25.58 -5.36 8.38
C LEU A 131 -26.96 -4.76 8.61
N ARG A 132 -27.55 -5.09 9.75
CA ARG A 132 -28.81 -4.55 10.21
C ARG A 132 -28.61 -3.92 11.58
N ILE A 133 -29.10 -2.69 11.74
CA ILE A 133 -29.07 -2.02 13.03
C ILE A 133 -30.49 -1.90 13.53
N LEU A 134 -30.73 -2.35 14.75
CA LEU A 134 -32.06 -2.46 15.32
C LEU A 134 -32.19 -1.61 16.59
N ASP A 135 -33.43 -1.34 16.99
CA ASP A 135 -33.67 -0.73 18.28
C ASP A 135 -34.12 -1.83 19.25
N PRO A 136 -34.31 -1.55 20.54
CA PRO A 136 -34.68 -2.64 21.47
C PRO A 136 -36.01 -3.30 21.16
N ALA A 137 -36.94 -2.61 20.49
CA ALA A 137 -38.19 -3.24 20.07
C ALA A 137 -38.01 -4.14 18.86
N GLY A 138 -36.83 -4.15 18.24
CA GLY A 138 -36.59 -4.99 17.10
C GLY A 138 -36.80 -4.31 15.76
N ARG A 139 -37.18 -3.02 15.75
N ARG A 139 -37.18 -3.03 15.75
CA ARG A 139 -37.33 -2.30 14.50
CA ARG A 139 -37.34 -2.33 14.48
C ARG A 139 -35.98 -2.11 13.83
C ARG A 139 -35.98 -2.13 13.82
N THR A 140 -35.94 -2.25 12.50
CA THR A 140 -34.71 -2.06 11.74
C THR A 140 -34.51 -0.56 11.47
N LEU A 141 -33.48 0.01 12.09
CA LEU A 141 -33.19 1.42 11.88
C LEU A 141 -32.53 1.69 10.53
N VAL A 142 -31.55 0.94 10.08
CA VAL A 142 -30.86 1.08 8.80
C VAL A 142 -30.42 -0.29 8.34
N HIS A 143 -30.24 -0.50 7.08
CA HIS A 143 -29.98 -1.78 6.47
C HIS A 143 -28.91 -1.63 5.39
N ARG A 144 -27.86 -2.42 5.48
CA ARG A 144 -26.77 -2.34 4.51
C ARG A 144 -26.45 -3.71 3.94
N VAL A 145 -26.41 -3.78 2.62
CA VAL A 145 -25.95 -5.00 1.87
C VAL A 145 -25.23 -4.56 0.60
N PRO A 154 -12.45 -10.03 2.09
CA PRO A 154 -11.44 -9.51 3.02
C PRO A 154 -11.39 -10.28 4.34
N GLU A 155 -12.20 -11.33 4.45
CA GLU A 155 -12.40 -12.05 5.70
C GLU A 155 -11.37 -13.16 5.87
N ILE A 156 -10.77 -13.25 7.05
CA ILE A 156 -9.78 -14.27 7.34
C ILE A 156 -9.89 -14.73 8.79
N ASP A 157 -9.78 -16.03 9.00
CA ASP A 157 -9.75 -16.59 10.35
C ASP A 157 -8.52 -16.10 11.10
N ARG A 158 -8.73 -15.73 12.37
CA ARG A 158 -7.66 -15.17 13.18
C ARG A 158 -6.52 -16.17 13.37
N GLY A 159 -6.84 -17.42 13.69
CA GLY A 159 -5.81 -18.44 13.80
C GLY A 159 -5.03 -18.62 12.51
N ALA A 160 -5.73 -18.60 11.38
CA ALA A 160 -5.05 -18.76 10.10
C ALA A 160 -4.14 -17.56 9.80
N LEU A 161 -4.57 -16.35 10.17
CA LEU A 161 -3.72 -15.18 9.97
C LEU A 161 -2.43 -15.29 10.75
N ARG A 162 -2.53 -15.75 12.01
CA ARG A 162 -1.33 -15.90 12.83
C ARG A 162 -0.37 -16.91 12.22
N GLU A 163 -0.92 -18.01 11.67
CA GLU A 163 -0.07 -18.99 10.99
C GLU A 163 0.64 -18.36 9.80
N LEU A 164 -0.10 -17.58 8.99
CA LEU A 164 0.49 -16.89 7.86
C LEU A 164 1.65 -16.00 8.28
N LEU A 165 1.43 -15.19 9.33
CA LEU A 165 2.49 -14.30 9.80
C LEU A 165 3.70 -15.07 10.32
N LEU A 166 3.45 -16.14 11.07
CA LEU A 166 4.55 -16.95 11.61
C LEU A 166 5.37 -17.59 10.49
N SER A 167 4.73 -17.92 9.37
CA SER A 167 5.44 -18.57 8.28
C SER A 167 6.51 -17.67 7.66
N LYS A 168 6.43 -16.36 7.89
CA LYS A 168 7.41 -15.42 7.37
C LYS A 168 8.46 -15.00 8.39
N VAL A 169 8.37 -15.51 9.61
CA VAL A 169 9.35 -15.23 10.66
C VAL A 169 10.19 -16.48 10.87
N PRO A 170 11.53 -16.38 10.84
CA PRO A 170 12.36 -17.58 11.04
C PRO A 170 12.05 -18.23 12.38
N ASP A 171 11.91 -19.55 12.36
CA ASP A 171 11.48 -20.30 13.54
C ASP A 171 12.37 -20.02 14.75
N GLU A 172 13.69 -20.01 14.54
CA GLU A 172 14.60 -19.85 15.67
C GLU A 172 14.70 -18.41 16.16
N ALA A 173 14.03 -17.47 15.51
CA ALA A 173 14.11 -16.07 15.92
C ALA A 173 13.01 -15.66 16.89
N VAL A 174 12.10 -16.57 17.24
CA VAL A 174 11.08 -16.34 18.26
C VAL A 174 11.48 -17.11 19.52
N SER A 175 11.61 -16.40 20.64
CA SER A 175 11.86 -17.03 21.94
C SER A 175 10.52 -17.16 22.67
N TRP A 176 9.99 -18.37 22.73
CA TRP A 176 8.71 -18.57 23.38
C TRP A 176 8.89 -18.70 24.89
N GLY A 177 7.81 -18.41 25.63
CA GLY A 177 7.81 -18.53 27.07
C GLY A 177 8.68 -17.53 27.80
N ARG A 178 8.89 -16.35 27.22
CA ARG A 178 9.70 -15.29 27.83
C ARG A 178 8.79 -14.09 28.05
N ARG A 179 8.43 -13.87 29.31
CA ARG A 179 7.47 -12.82 29.68
C ARG A 179 8.21 -11.63 30.26
N LEU A 180 8.19 -10.51 29.55
CA LEU A 180 8.90 -9.33 29.99
C LEU A 180 8.33 -8.84 31.31
N THR A 181 9.17 -8.72 32.34
CA THR A 181 8.75 -8.13 33.60
C THR A 181 9.45 -6.83 33.93
N GLY A 182 10.58 -6.54 33.32
CA GLY A 182 11.27 -5.29 33.58
C GLY A 182 12.23 -4.96 32.47
N VAL A 183 12.54 -3.67 32.37
CA VAL A 183 13.52 -3.17 31.40
C VAL A 183 14.44 -2.20 32.13
N GLU A 184 15.74 -2.37 31.94
CA GLU A 184 16.72 -1.52 32.59
C GLU A 184 17.52 -0.85 31.47
N GLU A 185 17.54 0.47 31.48
CA GLU A 185 18.24 1.24 30.46
C GLU A 185 19.75 1.15 30.65
N LEU A 186 20.47 0.99 29.54
CA LEU A 186 21.91 0.90 29.74
C LEU A 186 22.59 2.25 29.44
N PRO A 187 23.67 2.55 30.15
CA PRO A 187 24.38 3.82 29.90
C PRO A 187 24.91 3.93 28.49
N ASP A 188 25.45 2.83 27.95
CA ASP A 188 26.08 2.82 26.64
C ASP A 188 25.07 2.82 25.51
N GLY A 189 23.78 2.80 25.83
CA GLY A 189 22.74 2.62 24.86
C GLY A 189 22.13 1.23 24.94
N GLY A 190 20.92 1.11 24.44
CA GLY A 190 20.23 -0.16 24.49
C GLY A 190 19.61 -0.44 25.84
N HIS A 191 19.14 -1.67 25.99
CA HIS A 191 18.32 -2.05 27.13
C HIS A 191 18.62 -3.48 27.55
N ARG A 192 18.45 -3.75 28.84
CA ARG A 192 18.46 -5.11 29.35
C ARG A 192 17.02 -5.52 29.65
N LEU A 193 16.60 -6.64 29.06
CA LEU A 193 15.22 -7.12 29.16
C LEU A 193 15.14 -8.19 30.25
N GLU A 194 14.33 -7.95 31.28
CA GLU A 194 14.20 -8.89 32.39
C GLU A 194 12.94 -9.74 32.20
N PHE A 195 13.07 -11.06 32.36
CA PHE A 195 11.98 -11.98 32.11
C PHE A 195 11.56 -12.70 33.38
N ALA A 196 10.30 -13.16 33.40
CA ALA A 196 9.75 -13.85 34.55
C ALA A 196 10.54 -15.11 34.91
N ASP A 197 11.10 -15.81 33.91
CA ASP A 197 11.87 -17.01 34.22
C ASP A 197 13.18 -16.71 34.91
N GLY A 198 13.50 -15.44 35.20
CA GLY A 198 14.72 -15.08 35.86
C GLY A 198 15.86 -14.70 34.93
N GLY A 199 15.78 -15.07 33.65
CA GLY A 199 16.81 -14.70 32.71
C GLY A 199 16.63 -13.30 32.17
N HIS A 200 17.61 -12.88 31.38
CA HIS A 200 17.57 -11.58 30.74
C HIS A 200 18.17 -11.68 29.34
N ALA A 201 17.94 -10.65 28.54
CA ALA A 201 18.60 -10.50 27.26
C ALA A 201 18.87 -9.04 27.00
N ASP A 202 20.00 -8.75 26.35
CA ASP A 202 20.37 -7.40 26.00
C ASP A 202 20.06 -7.14 24.53
N CYS A 203 19.74 -5.88 24.24
CA CYS A 203 19.50 -5.45 22.86
C CYS A 203 19.99 -4.02 22.69
N ASP A 204 20.17 -3.61 21.44
CA ASP A 204 20.47 -2.24 21.11
C ASP A 204 19.23 -1.43 20.75
N ILE A 205 18.22 -2.09 20.17
CA ILE A 205 16.96 -1.48 19.81
C ILE A 205 15.85 -2.33 20.39
N LEU A 206 14.88 -1.69 21.04
CA LEU A 206 13.75 -2.36 21.68
C LEU A 206 12.45 -1.89 21.06
N VAL A 207 11.63 -2.82 20.58
CA VAL A 207 10.31 -2.50 20.05
C VAL A 207 9.25 -3.12 20.95
N GLY A 208 8.39 -2.27 21.49
CA GLY A 208 7.24 -2.71 22.26
C GLY A 208 6.10 -3.10 21.34
N ALA A 209 5.90 -4.39 21.16
CA ALA A 209 4.77 -4.94 20.41
C ALA A 209 3.92 -5.82 21.31
N ASP A 210 3.82 -5.48 22.59
CA ASP A 210 3.29 -6.37 23.62
C ASP A 210 1.86 -6.02 24.04
N GLY A 211 1.10 -5.33 23.19
CA GLY A 211 -0.36 -5.31 23.30
C GLY A 211 -0.94 -4.26 24.23
N ALA A 212 -2.22 -4.48 24.58
CA ALA A 212 -2.99 -3.45 25.28
C ALA A 212 -2.40 -3.12 26.64
N ARG A 213 -1.88 -4.11 27.35
CA ARG A 213 -1.26 -3.92 28.66
C ARG A 213 0.25 -3.93 28.56
N SER A 214 0.76 -3.35 27.48
CA SER A 214 2.18 -3.30 27.16
C SER A 214 3.03 -3.00 28.38
N ARG A 215 4.08 -3.80 28.57
CA ARG A 215 5.02 -3.47 29.62
C ARG A 215 6.06 -2.46 29.14
N VAL A 216 6.38 -2.46 27.84
CA VAL A 216 7.38 -1.55 27.29
C VAL A 216 6.85 -0.12 27.23
N ARG A 217 5.53 0.05 27.10
CA ARG A 217 4.95 1.38 26.88
C ARG A 217 5.45 2.40 27.89
N LEU A 218 5.75 1.96 29.11
CA LEU A 218 6.12 2.86 30.18
C LEU A 218 7.49 3.51 29.97
N LEU A 219 8.31 2.99 29.07
CA LEU A 219 9.56 3.67 28.74
C LEU A 219 9.35 4.91 27.88
N LEU A 220 8.25 4.99 27.14
CA LEU A 220 7.98 6.10 26.23
C LEU A 220 7.04 7.14 26.84
N THR A 221 6.03 6.72 27.59
CA THR A 221 4.99 7.60 28.08
C THR A 221 4.35 6.97 29.30
N ASP A 222 3.77 7.79 30.18
CA ASP A 222 3.04 7.23 31.29
C ASP A 222 1.55 7.16 30.99
N ALA A 223 1.16 7.43 29.75
CA ALA A 223 -0.24 7.36 29.36
C ALA A 223 -0.78 5.94 29.56
N ARG A 224 -1.98 5.85 30.13
CA ARG A 224 -2.64 4.59 30.47
C ARG A 224 -3.96 4.43 29.73
N PRO A 225 -4.35 3.20 29.40
CA PRO A 225 -5.67 3.00 28.79
C PRO A 225 -6.77 3.48 29.71
N VAL A 226 -7.80 4.09 29.10
CA VAL A 226 -8.98 4.57 29.79
C VAL A 226 -10.09 3.55 29.56
N HIS A 227 -10.78 3.15 30.64
CA HIS A 227 -11.83 2.15 30.52
C HIS A 227 -13.02 2.72 29.75
N LEU A 228 -13.52 1.96 28.78
CA LEU A 228 -14.67 2.36 27.97
C LEU A 228 -15.93 1.55 28.27
N SER A 229 -15.84 0.22 28.33
CA SER A 229 -17.07 -0.58 28.41
C SER A 229 -16.73 -2.01 28.77
N ALA A 230 -17.77 -2.76 29.11
CA ALA A 230 -17.69 -4.20 29.25
C ALA A 230 -18.19 -4.90 28.00
N TYR A 231 -17.58 -6.03 27.67
CA TYR A 231 -17.91 -6.76 26.45
C TYR A 231 -18.01 -8.24 26.77
N LEU A 232 -19.19 -8.82 26.54
CA LEU A 232 -19.47 -10.23 26.81
C LEU A 232 -19.69 -10.94 25.50
N GLN A 233 -19.13 -12.15 25.39
CA GLN A 233 -19.17 -12.89 24.14
C GLN A 233 -19.72 -14.28 24.42
N LEU A 234 -20.79 -14.64 23.73
CA LEU A 234 -21.42 -15.96 23.79
C LEU A 234 -21.40 -16.56 22.39
N ALA A 235 -21.82 -17.82 22.28
CA ALA A 235 -21.78 -18.52 21.00
C ALA A 235 -23.03 -19.38 20.79
N ILE A 236 -23.41 -19.50 19.53
CA ILE A 236 -24.37 -20.50 19.08
C ILE A 236 -23.65 -21.38 18.07
N THR A 237 -23.42 -22.64 18.43
CA THR A 237 -22.68 -23.57 17.56
C THR A 237 -23.64 -24.36 16.69
N ASP A 238 -23.28 -24.52 15.41
CA ASP A 238 -24.08 -25.29 14.44
C ASP A 238 -25.50 -24.73 14.34
N ALA A 239 -25.59 -23.41 14.15
CA ALA A 239 -26.89 -22.72 14.21
C ALA A 239 -27.86 -23.23 13.15
N ASP A 240 -27.37 -23.50 11.94
CA ASP A 240 -28.24 -23.94 10.85
C ASP A 240 -29.02 -25.20 11.22
N ARG A 241 -28.38 -26.14 11.91
CA ARG A 241 -29.06 -27.35 12.35
C ARG A 241 -29.81 -27.15 13.66
N ARG A 242 -29.18 -26.49 14.63
CA ARG A 242 -29.68 -26.50 16.00
C ARG A 242 -30.60 -25.33 16.32
N ARG A 243 -30.46 -24.18 15.65
CA ARG A 243 -31.28 -23.00 15.91
C ARG A 243 -31.71 -22.36 14.59
N PRO A 244 -32.46 -23.10 13.76
CA PRO A 244 -32.70 -22.62 12.38
C PRO A 244 -33.46 -21.30 12.29
N ARG A 245 -34.42 -21.07 13.19
N ARG A 245 -34.44 -21.07 13.18
CA ARG A 245 -35.15 -19.80 13.17
CA ARG A 245 -35.15 -19.80 13.17
C ARG A 245 -34.22 -18.63 13.44
C ARG A 245 -34.20 -18.63 13.43
N ILE A 246 -33.41 -18.73 14.50
CA ILE A 246 -32.44 -17.69 14.81
C ILE A 246 -31.40 -17.57 13.69
N ALA A 247 -30.97 -18.71 13.13
CA ALA A 247 -30.03 -18.66 12.02
C ALA A 247 -30.61 -17.88 10.86
N GLU A 248 -31.90 -18.08 10.55
CA GLU A 248 -32.53 -17.32 9.49
C GLU A 248 -32.70 -15.86 9.89
N PHE A 249 -32.99 -15.60 11.17
CA PHE A 249 -33.15 -14.22 11.63
C PHE A 249 -31.85 -13.44 11.52
N VAL A 250 -30.73 -14.04 11.92
CA VAL A 250 -29.45 -13.35 11.79
C VAL A 250 -29.03 -13.28 10.34
N GLY A 251 -29.20 -14.36 9.59
CA GLY A 251 -28.74 -14.41 8.23
C GLY A 251 -27.22 -14.52 8.13
N PRO A 252 -26.66 -14.17 6.99
CA PRO A 252 -25.23 -14.42 6.75
C PRO A 252 -24.29 -13.29 7.19
N GLY A 253 -24.83 -12.13 7.53
CA GLY A 253 -24.00 -11.01 7.97
C GLY A 253 -23.99 -10.80 9.47
N SER A 254 -24.37 -9.60 9.92
CA SER A 254 -24.40 -9.26 11.33
C SER A 254 -25.59 -8.36 11.62
N LEU A 255 -26.01 -8.34 12.89
CA LEU A 255 -26.98 -7.37 13.37
C LEU A 255 -26.52 -6.81 14.71
N MET A 256 -26.88 -5.56 14.95
CA MET A 256 -26.59 -4.87 16.20
CA MET A 256 -26.59 -4.89 16.21
C MET A 256 -27.85 -4.15 16.67
N ALA A 257 -28.29 -4.43 17.89
CA ALA A 257 -29.43 -3.75 18.46
C ALA A 257 -28.96 -2.79 19.54
N LEU A 258 -29.39 -1.53 19.45
CA LEU A 258 -28.86 -0.43 20.25
C LEU A 258 -29.89 0.01 21.28
N GLY A 259 -29.56 -0.14 22.56
CA GLY A 259 -30.42 0.31 23.65
C GLY A 259 -29.85 1.45 24.48
N ASP A 260 -30.10 1.43 25.79
CA ASP A 260 -29.69 2.50 26.69
C ASP A 260 -28.39 2.06 27.34
N ASN A 261 -27.26 2.57 26.83
CA ASN A 261 -25.93 2.18 27.29
C ASN A 261 -25.77 0.66 27.30
N LEU A 262 -26.42 -0.02 26.35
CA LEU A 262 -26.51 -1.48 26.34
C LEU A 262 -26.86 -1.91 24.93
N ASN A 263 -26.00 -2.70 24.31
CA ASN A 263 -26.17 -3.16 22.93
C ASN A 263 -26.10 -4.68 22.88
N LEU A 264 -26.89 -5.26 21.98
CA LEU A 264 -26.91 -6.70 21.70
C LEU A 264 -26.53 -6.91 20.25
N GLY A 265 -25.52 -7.73 20.00
CA GLY A 265 -25.07 -8.00 18.64
C GLY A 265 -25.02 -9.48 18.33
N ALA A 266 -25.15 -9.79 17.04
CA ALA A 266 -25.03 -11.17 16.56
C ALA A 266 -24.36 -11.15 15.20
N GLN A 267 -23.36 -12.02 15.01
CA GLN A 267 -22.60 -12.09 13.76
C GLN A 267 -22.41 -13.53 13.35
N ARG A 268 -22.82 -13.85 12.13
CA ARG A 268 -22.67 -15.20 11.59
C ARG A 268 -21.27 -15.38 11.01
N SER A 269 -20.64 -16.51 11.31
CA SER A 269 -19.32 -16.84 10.79
C SER A 269 -19.43 -17.96 9.76
N GLY A 270 -18.39 -18.07 8.93
CA GLY A 270 -18.32 -19.10 7.90
C GLY A 270 -18.18 -20.52 8.41
N ASP A 271 -18.03 -20.72 9.72
CA ASP A 271 -17.92 -22.05 10.30
C ASP A 271 -19.23 -22.54 10.93
N GLY A 272 -20.35 -21.94 10.57
CA GLY A 272 -21.63 -22.37 11.07
C GLY A 272 -22.03 -21.80 12.41
N THR A 273 -21.19 -20.97 13.03
CA THR A 273 -21.45 -20.46 14.36
C THR A 273 -21.97 -19.02 14.30
N ILE A 274 -22.79 -18.65 15.28
CA ILE A 274 -23.24 -17.28 15.47
C ILE A 274 -22.66 -16.77 16.76
N ARG A 275 -21.89 -15.68 16.67
CA ARG A 275 -21.36 -15.05 17.87
C ARG A 275 -22.33 -14.00 18.39
N VAL A 276 -22.64 -14.08 19.69
CA VAL A 276 -23.59 -13.18 20.33
C VAL A 276 -22.82 -12.35 21.35
N SER A 277 -23.03 -11.04 21.32
CA SER A 277 -22.26 -10.14 22.16
C SER A 277 -23.17 -9.19 22.94
N VAL A 278 -22.71 -8.84 24.14
CA VAL A 278 -23.34 -7.83 24.97
C VAL A 278 -22.28 -6.78 25.27
N THR A 279 -22.58 -5.52 24.93
CA THR A 279 -21.72 -4.38 25.22
C THR A 279 -22.50 -3.41 26.10
N THR A 280 -21.90 -2.97 27.20
CA THR A 280 -22.63 -2.09 28.10
C THR A 280 -21.66 -1.11 28.75
N ARG A 281 -22.14 0.12 28.94
CA ARG A 281 -21.33 1.22 29.47
C ARG A 281 -21.38 1.15 30.99
N VAL A 282 -20.38 0.48 31.56
CA VAL A 282 -20.28 0.24 33.00
C VAL A 282 -18.83 0.45 33.42
N ASP A 283 -18.60 0.41 34.73
CA ASP A 283 -17.26 0.62 35.23
C ASP A 283 -16.41 -0.63 35.06
N ALA A 284 -15.11 -0.48 35.29
CA ALA A 284 -14.15 -1.55 35.01
C ALA A 284 -14.38 -2.79 35.87
N ASP A 285 -15.00 -2.65 37.03
CA ASP A 285 -15.16 -3.78 37.93
C ASP A 285 -16.49 -4.50 37.73
N TRP A 286 -17.30 -4.04 36.77
CA TRP A 286 -18.64 -4.59 36.58
C TRP A 286 -18.58 -6.06 36.19
N VAL A 287 -17.68 -6.43 35.27
CA VAL A 287 -17.61 -7.82 34.83
C VAL A 287 -17.32 -8.75 36.00
N ASP A 288 -16.33 -8.40 36.82
CA ASP A 288 -16.01 -9.20 38.00
C ASP A 288 -17.20 -9.31 38.95
N ARG A 289 -17.91 -8.20 39.18
CA ARG A 289 -19.02 -8.21 40.12
C ARG A 289 -20.13 -9.16 39.70
N GLN A 290 -20.24 -9.49 38.42
CA GLN A 290 -21.34 -10.34 37.99
C GLN A 290 -21.13 -11.80 38.36
N GLY A 291 -19.87 -12.23 38.48
CA GLY A 291 -19.58 -13.59 38.87
C GLY A 291 -20.10 -14.63 37.90
N PHE A 292 -20.07 -14.31 36.60
CA PHE A 292 -20.61 -15.24 35.59
C PHE A 292 -19.87 -16.57 35.62
N GLY A 293 -18.56 -16.55 35.88
CA GLY A 293 -17.75 -17.75 35.84
C GLY A 293 -18.08 -18.75 36.93
N ASP A 294 -18.71 -18.29 38.01
CA ASP A 294 -19.07 -19.15 39.13
C ASP A 294 -20.56 -19.44 39.18
N ALA A 295 -21.34 -18.85 38.28
CA ALA A 295 -22.78 -18.99 38.36
C ALA A 295 -23.25 -20.21 37.59
N GLU A 296 -24.37 -20.75 38.03
CA GLU A 296 -25.08 -21.75 37.26
C GLU A 296 -25.57 -21.09 35.96
N TRP A 297 -25.61 -21.85 34.87
CA TRP A 297 -25.93 -21.23 33.59
C TRP A 297 -27.36 -20.68 33.59
N GLY A 298 -28.28 -21.40 34.26
CA GLY A 298 -29.63 -20.88 34.40
C GLY A 298 -29.67 -19.49 34.99
N ASP A 299 -28.82 -19.23 36.00
CA ASP A 299 -28.78 -17.90 36.62
C ASP A 299 -28.15 -16.88 35.68
N VAL A 300 -27.17 -17.29 34.89
CA VAL A 300 -26.55 -16.37 33.93
C VAL A 300 -27.59 -15.91 32.92
N VAL A 301 -28.37 -16.85 32.39
CA VAL A 301 -29.42 -16.50 31.43
C VAL A 301 -30.43 -15.56 32.08
N ALA A 302 -30.84 -15.86 33.32
CA ALA A 302 -31.84 -15.03 33.99
C ALA A 302 -31.32 -13.62 34.23
N ARG A 303 -30.08 -13.50 34.68
CA ARG A 303 -29.46 -12.19 34.86
C ARG A 303 -29.37 -11.42 33.54
N LEU A 304 -29.02 -12.11 32.45
CA LEU A 304 -28.94 -11.39 31.17
C LEU A 304 -30.32 -10.95 30.71
N HIS A 305 -31.35 -11.77 30.94
CA HIS A 305 -32.71 -11.32 30.62
C HIS A 305 -33.09 -10.12 31.47
N GLU A 306 -32.70 -10.12 32.75
CA GLU A 306 -32.96 -8.97 33.59
C GLU A 306 -32.23 -7.74 33.09
N LEU A 307 -30.97 -7.91 32.68
CA LEU A 307 -30.22 -6.80 32.09
C LEU A 307 -30.95 -6.22 30.90
N PHE A 308 -31.52 -7.08 30.05
CA PHE A 308 -32.26 -6.67 28.86
C PHE A 308 -33.76 -6.52 29.12
N ALA A 309 -34.16 -6.15 30.33
CA ALA A 309 -35.58 -6.02 30.63
C ALA A 309 -36.21 -4.97 29.73
N GLY A 310 -37.41 -5.26 29.24
CA GLY A 310 -38.13 -4.36 28.36
C GLY A 310 -37.85 -4.53 26.88
N TRP A 311 -36.83 -5.31 26.52
CA TRP A 311 -36.50 -5.53 25.12
C TRP A 311 -37.45 -6.55 24.49
N ASP A 312 -37.55 -6.50 23.17
CA ASP A 312 -38.36 -7.44 22.42
C ASP A 312 -37.93 -8.89 22.70
N ALA A 313 -38.92 -9.72 23.06
CA ALA A 313 -38.64 -11.11 23.41
C ALA A 313 -38.06 -11.91 22.26
N GLY A 314 -38.30 -11.50 21.01
CA GLY A 314 -37.60 -12.11 19.90
C GLY A 314 -36.11 -11.86 19.97
N LEU A 315 -35.71 -10.61 20.17
CA LEU A 315 -34.30 -10.27 20.27
C LEU A 315 -33.63 -11.03 21.41
N THR A 316 -34.23 -11.00 22.60
CA THR A 316 -33.55 -11.57 23.75
C THR A 316 -33.57 -13.09 23.76
N SER A 317 -34.36 -13.72 22.88
CA SER A 317 -34.30 -15.17 22.76
C SER A 317 -32.93 -15.64 22.25
N LEU A 318 -32.15 -14.74 21.66
CA LEU A 318 -30.75 -15.06 21.32
C LEU A 318 -30.00 -15.57 22.53
N ILE A 319 -30.27 -15.00 23.71
CA ILE A 319 -29.58 -15.40 24.94
C ILE A 319 -29.84 -16.88 25.22
N ASP A 320 -31.11 -17.28 25.15
CA ASP A 320 -31.48 -18.66 25.49
C ASP A 320 -30.97 -19.66 24.46
N ALA A 321 -30.72 -19.20 23.24
CA ALA A 321 -30.23 -20.08 22.19
C ALA A 321 -28.75 -20.37 22.30
N CYS A 322 -28.02 -19.63 23.13
CA CYS A 322 -26.58 -19.73 23.15
C CYS A 322 -26.14 -21.03 23.81
N ASP A 323 -24.95 -21.49 23.40
CA ASP A 323 -24.30 -22.64 24.01
C ASP A 323 -24.20 -22.44 25.52
N PRO A 324 -24.74 -23.35 26.33
CA PRO A 324 -24.60 -23.23 27.78
C PRO A 324 -23.13 -23.29 28.21
N GLY A 325 -22.76 -22.36 29.07
CA GLY A 325 -21.43 -22.30 29.65
C GLY A 325 -20.43 -21.48 28.86
N SER A 326 -20.83 -20.92 27.72
CA SER A 326 -19.91 -20.24 26.82
C SER A 326 -20.11 -18.73 26.93
N LEU A 327 -19.43 -18.11 27.91
CA LEU A 327 -19.44 -16.66 28.07
C LEU A 327 -18.04 -16.23 28.44
N VAL A 328 -17.46 -15.32 27.65
CA VAL A 328 -16.18 -14.70 27.96
C VAL A 328 -16.41 -13.20 28.09
N GLY A 329 -15.97 -12.64 29.21
CA GLY A 329 -16.13 -11.22 29.49
C GLY A 329 -14.80 -10.51 29.49
N ARG A 330 -14.79 -9.29 28.95
N ARG A 330 -14.78 -9.30 28.94
CA ARG A 330 -13.58 -8.48 28.87
CA ARG A 330 -13.57 -8.49 28.95
C ARG A 330 -13.96 -7.01 29.04
C ARG A 330 -13.96 -7.02 29.06
N ASN A 331 -12.97 -6.18 29.35
CA ASN A 331 -13.14 -4.74 29.38
C ASN A 331 -12.56 -4.15 28.10
N ILE A 332 -13.32 -3.25 27.47
CA ILE A 332 -12.85 -2.49 26.32
C ILE A 332 -12.25 -1.18 26.82
N GLU A 333 -11.02 -0.87 26.38
CA GLU A 333 -10.35 0.35 26.81
C GLU A 333 -9.53 0.94 25.67
N ALA A 334 -9.04 2.17 25.88
CA ALA A 334 -8.29 2.87 24.85
C ALA A 334 -7.38 3.91 25.49
N LEU A 335 -6.20 4.06 24.90
CA LEU A 335 -5.34 5.19 25.24
C LEU A 335 -6.03 6.47 24.80
N PRO A 336 -5.80 7.59 25.50
CA PRO A 336 -6.45 8.85 25.11
C PRO A 336 -6.12 9.23 23.68
N VAL A 337 -7.09 9.82 22.99
CA VAL A 337 -6.91 10.18 21.58
C VAL A 337 -5.75 11.14 21.43
N GLY A 338 -4.91 10.91 20.41
CA GLY A 338 -3.76 11.78 20.16
C GLY A 338 -2.54 11.54 21.05
N THR A 339 -2.50 10.42 21.78
CA THR A 339 -1.34 10.09 22.59
C THR A 339 -0.09 10.02 21.73
N ARG A 340 0.98 10.68 22.20
CA ARG A 340 2.27 10.60 21.55
C ARG A 340 3.34 10.88 22.60
N TRP A 341 4.60 10.93 22.17
CA TRP A 341 5.71 11.04 23.10
C TRP A 341 6.92 11.56 22.36
N PRO A 342 7.91 12.09 23.07
CA PRO A 342 9.17 12.45 22.41
C PRO A 342 9.85 11.20 21.88
N SER A 343 10.26 11.24 20.61
CA SER A 343 10.96 10.10 20.04
C SER A 343 12.28 9.87 20.76
N ARG A 344 12.56 8.62 21.07
CA ARG A 344 13.81 8.22 21.70
C ARG A 344 14.71 7.48 20.71
N PRO A 345 16.03 7.46 20.95
CA PRO A 345 16.93 6.94 19.92
C PRO A 345 16.93 5.42 19.75
N ASP A 346 16.45 4.65 20.74
CA ASP A 346 16.68 3.22 20.73
C ASP A 346 15.49 2.38 21.20
N VAL A 347 14.28 2.95 21.22
CA VAL A 347 13.12 2.21 21.68
C VAL A 347 11.87 2.87 21.08
N THR A 348 10.89 2.05 20.71
CA THR A 348 9.63 2.55 20.18
C THR A 348 8.52 1.53 20.46
N LEU A 349 7.31 1.83 19.98
CA LEU A 349 6.14 1.00 20.21
C LEU A 349 5.35 0.83 18.92
N LEU A 350 4.60 -0.28 18.82
CA LEU A 350 3.69 -0.46 17.69
C LEU A 350 2.37 -1.06 18.18
N GLY A 351 1.36 -1.01 17.31
CA GLY A 351 0.12 -1.70 17.61
C GLY A 351 -0.57 -1.13 18.83
N ASP A 352 -1.19 -2.03 19.61
CA ASP A 352 -1.97 -1.60 20.77
C ASP A 352 -1.09 -0.93 21.82
N ALA A 353 0.16 -1.38 21.92
CA ALA A 353 1.10 -0.73 22.83
C ALA A 353 1.25 0.74 22.49
N ALA A 354 1.25 1.08 21.21
CA ALA A 354 1.42 2.45 20.77
C ALA A 354 0.12 3.25 20.86
N HIS A 355 -1.01 2.64 20.50
CA HIS A 355 -2.23 3.41 20.30
C HIS A 355 -3.50 2.57 20.45
N LEU A 356 -3.62 1.81 21.53
CA LEU A 356 -4.82 1.01 21.78
C LEU A 356 -6.09 1.81 21.56
N MET A 357 -7.02 1.24 20.81
CA MET A 357 -8.33 1.80 20.51
C MET A 357 -9.41 0.76 20.74
N PRO A 358 -10.67 1.17 20.80
CA PRO A 358 -11.76 0.19 20.82
C PRO A 358 -11.76 -0.60 19.52
N PRO A 359 -12.46 -1.74 19.50
CA PRO A 359 -12.51 -2.56 18.27
C PRO A 359 -12.83 -1.79 17.00
N VAL A 360 -13.67 -0.75 17.04
CA VAL A 360 -13.98 -0.02 15.80
C VAL A 360 -12.75 0.64 15.20
N GLY A 361 -11.67 0.77 15.97
CA GLY A 361 -10.45 1.30 15.40
C GLY A 361 -9.70 0.32 14.51
N GLU A 362 -10.15 -0.92 14.44
CA GLU A 362 -9.53 -1.95 13.60
C GLU A 362 -8.03 -2.05 13.87
N GLY A 363 -7.72 -2.35 15.13
CA GLY A 363 -6.35 -2.33 15.60
C GLY A 363 -5.48 -3.45 15.07
N ALA A 364 -6.08 -4.58 14.67
CA ALA A 364 -5.29 -5.62 14.02
C ALA A 364 -4.69 -5.12 12.71
N ASN A 365 -5.52 -4.46 11.90
CA ASN A 365 -5.05 -3.91 10.64
C ASN A 365 -3.95 -2.88 10.86
N GLN A 366 -4.15 -1.99 11.85
CA GLN A 366 -3.18 -0.93 12.11
C GLN A 366 -1.89 -1.47 12.72
N ALA A 367 -1.97 -2.53 13.54
CA ALA A 367 -0.77 -3.13 14.11
C ALA A 367 0.07 -3.79 13.04
N MET A 368 -0.57 -4.46 12.08
CA MET A 368 0.15 -5.04 10.96
C MET A 368 0.78 -3.96 10.10
N LEU A 369 0.03 -2.88 9.82
CA LEU A 369 0.59 -1.75 9.07
C LEU A 369 1.78 -1.14 9.80
N ASP A 370 1.63 -0.89 11.10
CA ASP A 370 2.75 -0.39 11.91
C ASP A 370 3.98 -1.26 11.74
N GLY A 371 3.79 -2.59 11.78
CA GLY A 371 4.92 -3.50 11.68
C GLY A 371 5.68 -3.37 10.38
N VAL A 372 4.98 -3.24 9.26
CA VAL A 372 5.72 -3.20 7.99
C VAL A 372 6.28 -1.80 7.73
N LEU A 373 5.59 -0.75 8.20
CA LEU A 373 6.10 0.61 8.07
C LEU A 373 7.36 0.82 8.91
N LEU A 374 7.41 0.26 10.12
CA LEU A 374 8.59 0.38 10.96
C LEU A 374 9.77 -0.40 10.36
N ALA A 375 9.51 -1.59 9.82
CA ALA A 375 10.57 -2.33 9.13
C ALA A 375 11.10 -1.54 7.94
N ARG A 376 10.21 -0.96 7.14
CA ARG A 376 10.67 -0.13 6.03
C ARG A 376 11.53 1.02 6.52
N ALA A 377 11.20 1.58 7.69
CA ALA A 377 11.97 2.70 8.22
C ALA A 377 13.37 2.24 8.64
N PHE A 378 13.48 1.08 9.31
CA PHE A 378 14.80 0.55 9.65
C PHE A 378 15.64 0.31 8.40
N ALA A 379 15.04 -0.26 7.35
CA ALA A 379 15.77 -0.54 6.12
C ALA A 379 16.13 0.73 5.35
N GLN A 380 15.40 1.82 5.57
CA GLN A 380 15.68 3.10 4.95
C GLN A 380 16.78 3.86 5.68
N HIS A 381 17.10 3.46 6.92
CA HIS A 381 18.10 4.14 7.73
C HIS A 381 18.99 3.10 8.40
N ARG A 382 19.65 2.28 7.58
CA ARG A 382 20.37 1.11 8.09
C ARG A 382 21.55 1.50 8.95
N ASP A 383 21.99 2.75 8.90
CA ASP A 383 23.09 3.26 9.71
C ASP A 383 22.62 4.17 10.83
N ASP A 384 21.31 4.31 11.03
CA ASP A 384 20.83 5.27 12.01
C ASP A 384 19.46 4.88 12.52
N PRO A 385 19.37 3.97 13.50
CA PRO A 385 18.05 3.56 14.01
C PRO A 385 17.29 4.67 14.69
N ALA A 386 17.96 5.70 15.22
CA ALA A 386 17.22 6.84 15.75
C ALA A 386 16.44 7.53 14.65
N ALA A 387 17.07 7.71 13.48
CA ALA A 387 16.35 8.33 12.36
C ALA A 387 15.21 7.43 11.90
N ALA A 388 15.41 6.12 11.87
CA ALA A 388 14.34 5.20 11.49
C ALA A 388 13.15 5.32 12.44
N ILE A 389 13.42 5.22 13.75
CA ILE A 389 12.36 5.30 14.75
C ILE A 389 11.62 6.63 14.64
N ALA A 390 12.35 7.72 14.41
CA ALA A 390 11.72 9.03 14.40
C ALA A 390 10.86 9.22 13.16
N ALA A 391 11.33 8.72 12.02
CA ALA A 391 10.53 8.78 10.80
C ALA A 391 9.27 7.93 10.94
N TYR A 392 9.41 6.71 11.46
CA TYR A 392 8.26 5.85 11.69
C TYR A 392 7.24 6.52 12.60
N GLU A 393 7.70 7.09 13.72
CA GLU A 393 6.77 7.65 14.71
C GLU A 393 6.04 8.88 14.19
N THR A 394 6.71 9.75 13.41
CA THR A 394 6.04 10.92 12.86
C THR A 394 4.79 10.52 12.09
N GLU A 395 4.90 9.51 11.22
CA GLU A 395 3.73 9.05 10.48
C GLU A 395 2.75 8.32 11.39
N MET A 396 3.26 7.47 12.28
CA MET A 396 2.38 6.68 13.14
C MET A 396 1.59 7.57 14.09
N PHE A 397 2.21 8.62 14.62
CA PHE A 397 1.49 9.54 15.50
C PHE A 397 0.34 10.22 14.76
N ASP A 398 0.57 10.60 13.50
CA ASP A 398 -0.47 11.28 12.74
C ASP A 398 -1.60 10.33 12.39
N ARG A 399 -1.28 9.12 11.97
CA ARG A 399 -2.31 8.15 11.61
C ARG A 399 -3.13 7.77 12.83
N ALA A 400 -2.46 7.52 13.97
CA ALA A 400 -3.19 7.13 15.18
C ALA A 400 -4.10 8.26 15.66
N ALA A 401 -3.66 9.51 15.52
CA ALA A 401 -4.49 10.63 15.94
C ALA A 401 -5.76 10.74 15.09
N VAL A 402 -5.62 10.54 13.77
CA VAL A 402 -6.76 10.68 12.87
C VAL A 402 -7.74 9.53 13.09
N ILE A 403 -7.23 8.31 13.12
CA ILE A 403 -8.09 7.15 13.30
C ILE A 403 -8.64 7.11 14.73
N GLY A 404 -7.82 7.50 15.71
CA GLY A 404 -8.29 7.52 17.10
C GLY A 404 -9.47 8.44 17.31
N ALA A 405 -9.39 9.64 16.74
CA ALA A 405 -10.49 10.59 16.88
C ALA A 405 -11.76 10.05 16.24
N LYS A 406 -11.63 9.45 15.05
N LYS A 406 -11.63 9.46 15.05
CA LYS A 406 -12.81 8.96 14.35
CA LYS A 406 -12.80 8.95 14.34
C LYS A 406 -13.38 7.72 15.04
C LYS A 406 -13.38 7.73 15.04
N SER A 407 -12.52 6.86 15.56
CA SER A 407 -13.01 5.69 16.30
C SER A 407 -13.73 6.10 17.58
N ALA A 408 -13.22 7.13 18.26
CA ALA A 408 -13.84 7.60 19.49
C ALA A 408 -15.24 8.18 19.23
N ARG A 409 -15.42 8.85 18.08
CA ARG A 409 -16.75 9.33 17.74
C ARG A 409 -17.71 8.18 17.51
N ILE A 410 -17.23 7.14 16.82
CA ILE A 410 -18.08 5.99 16.52
C ILE A 410 -18.43 5.24 17.79
N GLU A 411 -17.44 5.01 18.65
CA GLU A 411 -17.68 4.23 19.87
C GLU A 411 -18.63 4.97 20.82
N SER A 412 -18.51 6.28 20.94
CA SER A 412 -19.38 6.99 21.88
C SER A 412 -20.77 7.23 21.32
N MET A 413 -20.92 7.29 20.00
N MET A 413 -20.91 7.30 19.99
CA MET A 413 -22.24 7.44 19.39
CA MET A 413 -22.25 7.45 19.40
C MET A 413 -23.01 6.13 19.36
C MET A 413 -23.01 6.13 19.37
N GLY A 414 -22.31 5.00 19.23
CA GLY A 414 -22.96 3.71 19.12
C GLY A 414 -23.32 3.04 20.42
N LEU A 415 -22.79 3.53 21.53
CA LEU A 415 -23.09 3.00 22.86
C LEU A 415 -23.40 4.24 23.70
N ALA A 416 -24.69 4.49 23.92
CA ALA A 416 -25.13 5.76 24.46
C ALA A 416 -26.51 5.57 25.08
N PRO A 417 -26.91 6.46 26.00
CA PRO A 417 -28.27 6.36 26.53
C PRO A 417 -29.34 6.42 25.46
N ASP A 418 -29.08 7.12 24.36
CA ASP A 418 -30.04 7.38 23.29
C ASP A 418 -29.47 6.97 21.94
N ALA A 419 -28.73 5.85 21.91
CA ALA A 419 -27.99 5.46 20.71
C ALA A 419 -28.90 5.30 19.50
N ALA A 420 -30.03 4.61 19.65
CA ALA A 420 -30.93 4.43 18.52
C ALA A 420 -31.47 5.78 18.03
N GLU A 421 -31.85 6.66 18.96
CA GLU A 421 -32.31 7.99 18.59
C GLU A 421 -31.25 8.78 17.84
N ARG A 422 -29.99 8.71 18.29
CA ARG A 422 -28.93 9.44 17.60
C ARG A 422 -28.79 8.97 16.17
N LEU A 423 -28.82 7.66 15.96
CA LEU A 423 -28.65 7.12 14.61
C LEU A 423 -29.80 7.57 13.71
N ALA A 424 -31.04 7.44 14.19
CA ALA A 424 -32.19 7.88 13.42
C ALA A 424 -32.11 9.37 13.11
N SER A 425 -31.68 10.18 14.08
CA SER A 425 -31.56 11.62 13.85
C SER A 425 -30.55 11.92 12.75
N TYR A 426 -29.44 11.18 12.71
CA TYR A 426 -28.45 11.37 11.67
C TYR A 426 -29.07 11.27 10.28
N PHE A 427 -29.87 10.23 10.03
CA PHE A 427 -30.49 10.06 8.72
C PHE A 427 -31.64 11.04 8.51
N ASN A 428 -32.40 11.35 9.57
CA ASN A 428 -33.43 12.39 9.45
C ASN A 428 -32.81 13.71 9.01
N ARG A 429 -31.67 14.08 9.57
CA ARG A 429 -30.99 15.30 9.16
C ARG A 429 -30.57 15.23 7.69
N MET A 430 -29.95 14.11 7.29
CA MET A 430 -29.48 14.00 5.90
C MET A 430 -30.62 14.13 4.90
N THR A 431 -31.83 13.73 5.27
CA THR A 431 -32.97 13.89 4.37
C THR A 431 -33.18 15.35 4.00
N ALA A 432 -32.98 16.26 4.97
CA ALA A 432 -33.19 17.68 4.69
C ALA A 432 -32.26 18.18 3.60
N ALA A 433 -31.12 17.53 3.40
CA ALA A 433 -30.17 17.93 2.37
C ALA A 433 -30.47 17.31 1.01
N SER A 434 -31.48 16.45 0.92
CA SER A 434 -31.87 15.83 -0.34
C SER A 434 -32.22 16.88 -1.40
N ARG B 55 -4.66 31.51 3.11
CA ARG B 55 -3.79 30.94 4.13
C ARG B 55 -3.38 29.51 3.75
N ALA B 56 -4.20 28.85 2.93
CA ALA B 56 -3.73 27.56 2.42
C ALA B 56 -2.76 27.81 1.25
N PRO B 57 -1.70 27.00 1.12
CA PRO B 57 -0.69 27.29 0.10
C PRO B 57 -1.24 27.10 -1.29
N ARG B 58 -0.80 27.96 -2.21
CA ARG B 58 -1.07 27.79 -3.63
C ARG B 58 -0.06 26.77 -4.14
N ILE B 59 -0.54 25.58 -4.53
CA ILE B 59 0.30 24.50 -5.00
C ILE B 59 0.21 24.44 -6.51
N ALA B 60 1.37 24.50 -7.18
CA ALA B 60 1.44 24.40 -8.63
C ALA B 60 2.16 23.11 -9.01
N VAL B 61 1.54 22.34 -9.90
CA VAL B 61 2.10 21.09 -10.39
C VAL B 61 2.34 21.28 -11.87
N VAL B 62 3.61 21.37 -12.27
CA VAL B 62 3.96 21.55 -13.67
C VAL B 62 4.06 20.17 -14.32
N GLY B 63 3.17 19.90 -15.27
CA GLY B 63 3.17 18.63 -15.97
C GLY B 63 1.97 17.78 -15.60
N GLY B 64 1.09 17.57 -16.56
CA GLY B 64 -0.07 16.72 -16.37
C GLY B 64 0.12 15.33 -16.94
N GLY B 65 1.24 14.70 -16.61
CA GLY B 65 1.48 13.31 -16.94
C GLY B 65 1.03 12.40 -15.82
N LEU B 66 1.55 11.17 -15.84
CA LEU B 66 1.10 10.16 -14.90
C LEU B 66 1.37 10.58 -13.46
N GLY B 67 2.59 11.05 -13.20
CA GLY B 67 2.95 11.43 -11.84
C GLY B 67 2.22 12.68 -11.36
N GLY B 68 2.15 13.70 -12.21
CA GLY B 68 1.50 14.94 -11.82
C GLY B 68 0.02 14.78 -11.56
N LEU B 69 -0.67 13.99 -12.40
CA LEU B 69 -2.10 13.77 -12.20
C LEU B 69 -2.36 12.93 -10.96
N ALA B 70 -1.50 11.93 -10.68
CA ALA B 70 -1.66 11.15 -9.45
C ALA B 70 -1.51 12.03 -8.22
N LEU B 71 -0.53 12.92 -8.23
CA LEU B 71 -0.36 13.90 -7.15
C LEU B 71 -1.59 14.77 -6.98
N ALA B 72 -2.05 15.40 -8.07
CA ALA B 72 -3.18 16.31 -7.98
C ALA B 72 -4.45 15.58 -7.58
N GLY B 73 -4.69 14.39 -8.14
CA GLY B 73 -5.84 13.62 -7.74
C GLY B 73 -5.82 13.22 -6.28
N MET B 74 -4.64 12.85 -5.77
CA MET B 74 -4.53 12.42 -4.38
C MET B 74 -4.63 13.61 -3.42
N LEU B 75 -4.07 14.76 -3.82
CA LEU B 75 -4.26 15.97 -3.01
C LEU B 75 -5.74 16.32 -2.90
N HIS B 76 -6.44 16.30 -4.05
CA HIS B 76 -7.87 16.60 -4.05
C HIS B 76 -8.63 15.69 -3.09
N ARG B 77 -8.31 14.39 -3.09
CA ARG B 77 -9.00 13.46 -2.21
C ARG B 77 -8.67 13.70 -0.75
N GLN B 78 -7.58 14.38 -0.47
CA GLN B 78 -7.19 14.75 0.88
C GLN B 78 -7.66 16.15 1.28
N GLY B 79 -8.44 16.81 0.43
CA GLY B 79 -8.94 18.15 0.73
C GLY B 79 -7.99 19.27 0.38
N ILE B 80 -6.94 19.01 -0.39
CA ILE B 80 -5.89 19.99 -0.69
C ILE B 80 -5.99 20.37 -2.17
N ALA B 81 -6.23 21.66 -2.42
CA ALA B 81 -6.34 22.16 -3.79
C ALA B 81 -4.97 22.30 -4.45
N ALA B 82 -4.93 22.08 -5.75
CA ALA B 82 -3.70 22.24 -6.52
C ALA B 82 -4.10 22.53 -7.96
N THR B 83 -3.23 23.23 -8.67
CA THR B 83 -3.40 23.51 -10.09
C THR B 83 -2.33 22.77 -10.88
N VAL B 84 -2.76 22.10 -11.97
CA VAL B 84 -1.87 21.40 -12.90
C VAL B 84 -1.68 22.27 -14.13
N TYR B 85 -0.43 22.56 -14.47
CA TYR B 85 -0.10 23.27 -15.70
C TYR B 85 0.52 22.29 -16.68
N GLU B 86 -0.11 22.13 -17.85
CA GLU B 86 0.28 21.12 -18.83
C GLU B 86 0.46 21.76 -20.19
N ARG B 87 1.61 21.50 -20.83
CA ARG B 87 1.93 22.16 -22.09
C ARG B 87 1.02 21.69 -23.22
N ASP B 88 0.59 20.43 -23.22
CA ASP B 88 -0.26 19.93 -24.29
C ASP B 88 -1.58 20.69 -24.31
N ALA B 89 -2.10 20.94 -25.52
CA ALA B 89 -3.32 21.73 -25.65
C ALA B 89 -4.54 21.00 -25.11
N GLY B 90 -4.55 19.68 -25.18
CA GLY B 90 -5.68 18.92 -24.69
C GLY B 90 -5.32 17.47 -24.52
N ARG B 91 -6.26 16.71 -23.95
CA ARG B 91 -6.05 15.32 -23.58
C ARG B 91 -5.98 14.41 -24.81
N ALA B 92 -5.29 14.86 -25.86
CA ALA B 92 -5.10 14.06 -27.08
C ALA B 92 -3.70 14.34 -27.62
N ALA B 93 -2.76 13.45 -27.36
CA ALA B 93 -1.37 13.62 -27.82
C ALA B 93 -1.29 13.72 -29.33
N GLY B 97 1.34 5.72 -27.46
CA GLY B 97 0.80 5.30 -26.18
C GLY B 97 1.39 4.01 -25.63
N GLY B 98 0.87 2.88 -26.11
CA GLY B 98 1.36 1.59 -25.66
C GLY B 98 0.59 1.10 -24.45
N THR B 99 1.03 -0.03 -23.90
CA THR B 99 0.41 -0.62 -22.72
C THR B 99 1.42 -0.66 -21.57
N LEU B 100 0.88 -0.58 -20.36
CA LEU B 100 1.68 -0.60 -19.14
C LEU B 100 1.21 -1.75 -18.26
N ASP B 101 2.16 -2.40 -17.58
CA ASP B 101 1.84 -3.32 -16.50
C ASP B 101 2.04 -2.60 -15.17
N LEU B 102 0.97 -2.51 -14.38
CA LEU B 102 1.03 -1.81 -13.10
C LEU B 102 1.34 -2.81 -11.99
N ARG B 103 2.30 -2.47 -11.15
CA ARG B 103 2.79 -3.35 -10.09
C ARG B 103 2.05 -3.11 -8.78
N PRO B 104 1.87 -4.16 -7.99
CA PRO B 104 1.10 -4.03 -6.73
C PRO B 104 1.59 -2.95 -5.78
N GLU B 105 2.90 -2.85 -5.56
CA GLU B 105 3.40 -1.90 -4.57
C GLU B 105 3.44 -0.48 -5.08
N SER B 106 3.22 -0.24 -6.37
CA SER B 106 3.47 1.09 -6.92
C SER B 106 2.28 1.58 -7.74
N GLY B 107 2.25 1.22 -9.03
CA GLY B 107 1.17 1.68 -9.90
C GLY B 107 -0.20 1.31 -9.39
N GLN B 108 -0.36 0.06 -8.96
CA GLN B 108 -1.65 -0.40 -8.47
C GLN B 108 -2.02 0.26 -7.16
N ARG B 109 -1.05 0.37 -6.25
CA ARG B 109 -1.28 1.05 -4.97
C ARG B 109 -1.77 2.47 -5.20
N ALA B 110 -1.17 3.18 -6.16
CA ALA B 110 -1.62 4.54 -6.46
C ALA B 110 -3.07 4.54 -6.90
N LEU B 111 -3.42 3.68 -7.85
CA LEU B 111 -4.82 3.60 -8.28
C LEU B 111 -5.73 3.23 -7.12
N ASP B 112 -5.29 2.34 -6.24
CA ASP B 112 -6.11 1.99 -5.08
C ASP B 112 -6.37 3.20 -4.19
N GLU B 113 -5.32 3.96 -3.88
CA GLU B 113 -5.50 5.10 -2.99
C GLU B 113 -6.31 6.22 -3.66
N LEU B 114 -6.29 6.28 -4.99
CA LEU B 114 -7.10 7.25 -5.73
C LEU B 114 -8.56 6.86 -5.82
N GLY B 115 -8.92 5.66 -5.37
CA GLY B 115 -10.27 5.18 -5.53
C GLY B 115 -10.59 4.62 -6.89
N LEU B 116 -9.58 4.17 -7.65
CA LEU B 116 -9.78 3.70 -9.02
C LEU B 116 -9.61 2.18 -9.15
N THR B 117 -9.68 1.43 -8.07
CA THR B 117 -9.49 -0.03 -8.17
C THR B 117 -10.54 -0.66 -9.06
N GLU B 118 -11.82 -0.37 -8.80
CA GLU B 118 -12.90 -0.92 -9.60
C GLU B 118 -12.70 -0.60 -11.09
N ALA B 119 -12.46 0.67 -11.42
CA ALA B 119 -12.30 1.06 -12.82
C ALA B 119 -11.17 0.30 -13.49
N PHE B 120 -10.04 0.15 -12.78
CA PHE B 120 -8.86 -0.52 -13.33
C PHE B 120 -9.19 -1.96 -13.75
N ARG B 121 -9.87 -2.71 -12.88
CA ARG B 121 -10.25 -4.09 -13.17
C ARG B 121 -11.29 -4.23 -14.28
N ARG B 125 -6.14 -11.09 -19.50
CA ARG B 125 -5.60 -11.69 -20.71
C ARG B 125 -4.71 -12.89 -20.39
N PRO B 126 -5.22 -14.09 -20.65
CA PRO B 126 -4.46 -15.30 -20.33
C PRO B 126 -3.19 -15.41 -21.16
N GLU B 127 -2.13 -15.91 -20.52
CA GLU B 127 -0.82 -16.15 -21.13
C GLU B 127 -0.16 -14.88 -21.66
N GLY B 128 -0.63 -13.71 -21.21
CA GLY B 128 -0.08 -12.44 -21.61
C GLY B 128 1.17 -12.03 -20.87
N GLU B 129 1.64 -12.86 -19.94
CA GLU B 129 2.89 -12.60 -19.23
C GLU B 129 4.01 -13.47 -19.74
N GLU B 130 3.73 -14.34 -20.72
CA GLU B 130 4.76 -15.16 -21.32
C GLU B 130 5.86 -14.27 -21.89
N LEU B 131 7.10 -14.71 -21.74
CA LEU B 131 8.27 -14.02 -22.26
C LEU B 131 9.22 -15.06 -22.83
N ARG B 132 9.74 -14.79 -24.03
CA ARG B 132 10.77 -15.61 -24.66
C ARG B 132 11.96 -14.72 -24.97
N ILE B 133 13.15 -15.15 -24.57
CA ILE B 133 14.38 -14.45 -24.87
C ILE B 133 15.15 -15.30 -25.86
N LEU B 134 15.53 -14.69 -26.98
CA LEU B 134 16.13 -15.40 -28.11
C LEU B 134 17.52 -14.85 -28.41
N ASP B 135 18.28 -15.62 -29.17
CA ASP B 135 19.51 -15.11 -29.77
C ASP B 135 19.25 -14.74 -31.23
N PRO B 136 20.20 -14.11 -31.92
CA PRO B 136 19.93 -13.67 -33.30
C PRO B 136 19.62 -14.79 -34.26
N ALA B 137 20.09 -16.00 -33.99
CA ALA B 137 19.71 -17.14 -34.82
C ALA B 137 18.29 -17.61 -34.55
N GLY B 138 17.63 -17.09 -33.52
CA GLY B 138 16.27 -17.47 -33.23
C GLY B 138 16.11 -18.58 -32.21
N ARG B 139 17.21 -19.03 -31.61
CA ARG B 139 17.13 -20.04 -30.56
C ARG B 139 16.62 -19.44 -29.26
N THR B 140 15.79 -20.20 -28.55
CA THR B 140 15.21 -19.72 -27.30
C THR B 140 16.21 -19.95 -26.17
N LEU B 141 16.74 -18.86 -25.63
CA LEU B 141 17.66 -18.97 -24.49
C LEU B 141 16.90 -19.29 -23.21
N VAL B 142 15.74 -18.68 -23.01
CA VAL B 142 14.98 -18.90 -21.79
C VAL B 142 13.52 -18.60 -22.07
N HIS B 143 12.64 -19.26 -21.32
CA HIS B 143 11.21 -19.24 -21.55
C HIS B 143 10.51 -19.15 -20.20
N ARG B 144 9.65 -18.15 -20.06
CA ARG B 144 8.93 -17.92 -18.82
C ARG B 144 7.45 -17.88 -19.15
N VAL B 145 6.66 -18.68 -18.42
CA VAL B 145 5.20 -18.66 -18.59
C VAL B 145 4.48 -18.58 -17.25
N PRO B 154 -3.04 -7.07 -15.41
CA PRO B 154 -2.30 -5.91 -14.93
C PRO B 154 -1.99 -4.93 -16.07
N GLU B 155 -2.45 -5.29 -17.27
CA GLU B 155 -2.15 -4.54 -18.48
C GLU B 155 -3.17 -3.42 -18.69
N ILE B 156 -2.69 -2.22 -18.99
CA ILE B 156 -3.59 -1.11 -19.26
C ILE B 156 -2.99 -0.23 -20.34
N ASP B 157 -3.84 0.20 -21.27
CA ASP B 157 -3.43 1.12 -22.32
C ASP B 157 -3.03 2.45 -21.69
N ARG B 158 -1.92 3.03 -22.16
CA ARG B 158 -1.39 4.24 -21.53
C ARG B 158 -2.39 5.39 -21.61
N GLY B 159 -2.99 5.60 -22.78
CA GLY B 159 -4.02 6.62 -22.90
C GLY B 159 -5.19 6.40 -21.97
N ALA B 160 -5.60 5.14 -21.80
CA ALA B 160 -6.69 4.84 -20.89
C ALA B 160 -6.31 5.13 -19.45
N LEU B 161 -5.06 4.83 -19.07
CA LEU B 161 -4.61 5.11 -17.72
C LEU B 161 -4.63 6.60 -17.43
N ARG B 162 -4.19 7.41 -18.38
CA ARG B 162 -4.17 8.85 -18.16
C ARG B 162 -5.59 9.37 -17.98
N GLU B 163 -6.55 8.80 -18.72
CA GLU B 163 -7.95 9.17 -18.58
C GLU B 163 -8.47 8.86 -17.17
N LEU B 164 -8.16 7.66 -16.66
CA LEU B 164 -8.54 7.32 -15.29
C LEU B 164 -8.00 8.34 -14.29
N LEU B 165 -6.72 8.69 -14.44
CA LEU B 165 -6.14 9.67 -13.52
C LEU B 165 -6.83 11.01 -13.65
N LEU B 166 -7.14 11.44 -14.88
CA LEU B 166 -7.81 12.71 -15.08
C LEU B 166 -9.19 12.73 -14.44
N SER B 167 -9.87 11.58 -14.40
CA SER B 167 -11.21 11.52 -13.85
C SER B 167 -11.24 11.87 -12.38
N LYS B 168 -10.09 11.80 -11.69
CA LYS B 168 -10.00 12.12 -10.28
C LYS B 168 -9.47 13.51 -10.01
N VAL B 169 -9.14 14.26 -11.04
CA VAL B 169 -8.66 15.63 -10.92
C VAL B 169 -9.78 16.56 -11.36
N PRO B 170 -10.15 17.56 -10.56
CA PRO B 170 -11.22 18.47 -10.98
C PRO B 170 -10.89 19.12 -12.32
N ASP B 171 -11.89 19.17 -13.20
CA ASP B 171 -11.65 19.64 -14.56
C ASP B 171 -11.03 21.03 -14.57
N GLU B 172 -11.47 21.90 -13.66
N GLU B 172 -11.46 21.92 -13.69
CA GLU B 172 -11.04 23.29 -13.63
CA GLU B 172 -10.96 23.28 -13.78
C GLU B 172 -9.60 23.45 -13.16
C GLU B 172 -9.62 23.47 -13.09
N ALA B 173 -9.04 22.44 -12.49
CA ALA B 173 -7.71 22.54 -11.88
C ALA B 173 -6.59 22.19 -12.85
N VAL B 174 -6.90 21.83 -14.09
CA VAL B 174 -5.88 21.61 -15.12
C VAL B 174 -5.92 22.79 -16.08
N SER B 175 -4.79 23.49 -16.21
CA SER B 175 -4.63 24.55 -17.20
C SER B 175 -3.85 23.99 -18.37
N TRP B 176 -4.55 23.75 -19.48
CA TRP B 176 -3.97 23.17 -20.68
C TRP B 176 -3.28 24.24 -21.53
N GLY B 177 -2.33 23.80 -22.34
CA GLY B 177 -1.63 24.70 -23.24
C GLY B 177 -0.74 25.69 -22.54
N ARG B 178 -0.23 25.33 -21.37
CA ARG B 178 0.61 26.23 -20.58
C ARG B 178 1.99 25.60 -20.48
N ARG B 179 2.95 26.14 -21.23
CA ARG B 179 4.28 25.54 -21.30
C ARG B 179 5.24 26.36 -20.45
N LEU B 180 5.73 25.76 -19.36
CA LEU B 180 6.65 26.47 -18.47
C LEU B 180 7.94 26.81 -19.19
N THR B 181 8.29 28.09 -19.21
CA THR B 181 9.57 28.52 -19.78
C THR B 181 10.50 29.17 -18.78
N GLY B 182 10.01 29.59 -17.61
CA GLY B 182 10.87 30.20 -16.61
C GLY B 182 10.23 30.15 -15.25
N VAL B 183 11.09 30.22 -14.23
CA VAL B 183 10.64 30.28 -12.84
C VAL B 183 11.48 31.31 -12.09
N GLU B 184 10.81 32.18 -11.35
CA GLU B 184 11.41 33.26 -10.58
C GLU B 184 11.00 33.12 -9.12
N GLU B 185 11.97 33.18 -8.21
CA GLU B 185 11.61 33.16 -6.80
C GLU B 185 10.88 34.44 -6.44
N LEU B 186 9.88 34.31 -5.60
CA LEU B 186 9.12 35.49 -5.23
C LEU B 186 9.68 36.06 -3.93
N PRO B 187 9.55 37.37 -3.71
CA PRO B 187 10.18 37.97 -2.52
C PRO B 187 9.68 37.39 -1.21
N ASP B 188 8.37 37.24 -1.07
CA ASP B 188 7.77 36.72 0.16
C ASP B 188 7.81 35.19 0.24
N GLY B 189 8.47 34.53 -0.70
CA GLY B 189 8.43 33.09 -0.77
C GLY B 189 7.63 32.59 -1.97
N GLY B 190 7.87 31.35 -2.34
CA GLY B 190 7.20 30.79 -3.48
C GLY B 190 7.87 31.17 -4.79
N HIS B 191 7.15 30.94 -5.88
CA HIS B 191 7.73 31.07 -7.21
C HIS B 191 6.71 31.67 -8.16
N ARG B 192 7.22 32.38 -9.16
CA ARG B 192 6.42 32.80 -10.30
C ARG B 192 6.78 31.95 -11.51
N LEU B 193 5.78 31.31 -12.12
CA LEU B 193 5.95 30.45 -13.28
C LEU B 193 5.63 31.24 -14.54
N GLU B 194 6.60 31.32 -15.46
CA GLU B 194 6.41 32.02 -16.71
C GLU B 194 6.11 31.01 -17.82
N PHE B 195 5.10 31.30 -18.64
CA PHE B 195 4.67 30.38 -19.67
C PHE B 195 4.91 30.98 -21.05
N ALA B 196 5.02 30.08 -22.04
CA ALA B 196 5.29 30.52 -23.41
C ALA B 196 4.24 31.49 -23.93
N ASP B 197 2.99 31.37 -23.49
CA ASP B 197 1.97 32.30 -23.97
C ASP B 197 2.13 33.71 -23.42
N GLY B 198 3.16 33.99 -22.62
CA GLY B 198 3.37 35.32 -22.08
C GLY B 198 2.77 35.55 -20.70
N GLY B 199 1.83 34.71 -20.29
CA GLY B 199 1.25 34.82 -18.97
C GLY B 199 2.09 34.13 -17.91
N HIS B 200 1.66 34.28 -16.65
CA HIS B 200 2.36 33.65 -15.53
C HIS B 200 1.36 33.21 -14.48
N ALA B 201 1.84 32.42 -13.52
CA ALA B 201 1.07 32.10 -12.34
C ALA B 201 2.00 32.10 -11.14
N ASP B 202 1.50 32.57 -10.00
CA ASP B 202 2.27 32.59 -8.77
C ASP B 202 1.86 31.40 -7.91
N CYS B 203 2.82 30.87 -7.15
CA CYS B 203 2.49 29.76 -6.26
C CYS B 203 3.33 29.86 -5.00
N ASP B 204 2.88 29.14 -3.97
CA ASP B 204 3.65 28.97 -2.74
C ASP B 204 4.46 27.69 -2.73
N ILE B 205 3.96 26.64 -3.38
CA ILE B 205 4.66 25.36 -3.47
C ILE B 205 4.68 24.96 -4.94
N LEU B 206 5.84 24.54 -5.43
CA LEU B 206 6.04 24.16 -6.82
C LEU B 206 6.49 22.70 -6.89
N VAL B 207 5.77 21.89 -7.65
CA VAL B 207 6.15 20.49 -7.86
C VAL B 207 6.47 20.29 -9.34
N GLY B 208 7.69 19.86 -9.62
CA GLY B 208 8.11 19.51 -10.95
C GLY B 208 7.71 18.10 -11.29
N ALA B 209 6.65 17.97 -12.08
CA ALA B 209 6.20 16.69 -12.63
C ALA B 209 6.30 16.72 -14.15
N ASP B 210 7.29 17.42 -14.68
CA ASP B 210 7.35 17.75 -16.10
C ASP B 210 8.30 16.86 -16.90
N GLY B 211 8.60 15.67 -16.40
CA GLY B 211 9.13 14.59 -17.23
C GLY B 211 10.63 14.56 -17.43
N ALA B 212 11.02 13.82 -18.47
CA ALA B 212 12.43 13.51 -18.68
C ALA B 212 13.26 14.77 -18.92
N ARG B 213 12.70 15.74 -19.64
CA ARG B 213 13.37 16.99 -19.95
C ARG B 213 12.88 18.13 -19.06
N SER B 214 12.55 17.82 -17.82
CA SER B 214 12.01 18.76 -16.84
C SER B 214 12.76 20.09 -16.83
N ARG B 215 11.98 21.18 -16.87
CA ARG B 215 12.49 22.53 -16.64
C ARG B 215 12.64 22.85 -15.15
N VAL B 216 11.78 22.27 -14.31
CA VAL B 216 11.82 22.57 -12.89
C VAL B 216 13.05 21.96 -12.25
N ARG B 217 13.56 20.86 -12.84
CA ARG B 217 14.64 20.10 -12.22
C ARG B 217 15.85 20.96 -11.90
N LEU B 218 16.17 21.93 -12.76
CA LEU B 218 17.41 22.68 -12.53
C LEU B 218 17.31 23.62 -11.34
N LEU B 219 16.10 23.81 -10.78
CA LEU B 219 15.98 24.52 -9.52
C LEU B 219 16.51 23.71 -8.35
N LEU B 220 16.55 22.38 -8.46
CA LEU B 220 17.01 21.51 -7.38
C LEU B 220 18.44 21.02 -7.55
N THR B 221 18.86 20.71 -8.77
CA THR B 221 20.14 20.07 -9.01
C THR B 221 20.58 20.40 -10.43
N ASP B 222 21.89 20.33 -10.67
CA ASP B 222 22.41 20.51 -12.03
C ASP B 222 22.65 19.18 -12.73
N ALA B 223 22.24 18.06 -12.12
CA ALA B 223 22.43 16.76 -12.76
C ALA B 223 21.68 16.66 -14.08
N ARG B 224 22.35 16.07 -15.10
CA ARG B 224 21.78 15.89 -16.44
C ARG B 224 21.61 14.40 -16.76
N PRO B 225 20.59 14.06 -17.53
CA PRO B 225 20.46 12.68 -18.02
C PRO B 225 21.65 12.31 -18.90
N VAL B 226 22.07 11.06 -18.78
CA VAL B 226 23.14 10.49 -19.61
C VAL B 226 22.52 9.63 -20.69
N HIS B 227 22.99 9.80 -21.92
CA HIS B 227 22.48 9.03 -23.03
C HIS B 227 22.87 7.56 -22.86
N LEU B 228 21.90 6.66 -23.02
CA LEU B 228 22.14 5.23 -22.95
C LEU B 228 22.06 4.52 -24.30
N SER B 229 21.01 4.76 -25.09
CA SER B 229 20.75 3.96 -26.27
C SER B 229 19.71 4.66 -27.15
N ALA B 230 19.57 4.14 -28.37
CA ALA B 230 18.49 4.52 -29.27
C ALA B 230 17.40 3.46 -29.23
N TYR B 231 16.15 3.90 -29.35
CA TYR B 231 15.00 3.01 -29.29
C TYR B 231 14.02 3.37 -30.39
N LEU B 232 13.76 2.43 -31.29
CA LEU B 232 12.87 2.62 -32.43
C LEU B 232 11.64 1.75 -32.23
N GLN B 233 10.47 2.29 -32.52
CA GLN B 233 9.20 1.62 -32.26
C GLN B 233 8.39 1.53 -33.55
N LEU B 234 8.01 0.32 -33.92
CA LEU B 234 7.14 0.11 -35.07
C LEU B 234 5.90 -0.63 -34.60
N ALA B 235 4.93 -0.80 -35.50
CA ALA B 235 3.66 -1.41 -35.13
C ALA B 235 3.17 -2.34 -36.22
N ILE B 236 2.48 -3.40 -35.78
CA ILE B 236 1.71 -4.28 -36.68
C ILE B 236 0.28 -4.21 -36.22
N THR B 237 -0.60 -3.68 -37.08
CA THR B 237 -2.01 -3.52 -36.74
C THR B 237 -2.80 -4.73 -37.18
N ASP B 238 -3.73 -5.18 -36.32
CA ASP B 238 -4.60 -6.31 -36.61
C ASP B 238 -3.80 -7.55 -37.05
N ALA B 239 -2.82 -7.91 -36.22
CA ALA B 239 -1.88 -8.96 -36.59
C ALA B 239 -2.59 -10.30 -36.80
N ASP B 240 -3.60 -10.62 -35.99
CA ASP B 240 -4.28 -11.92 -36.13
C ASP B 240 -4.82 -12.11 -37.53
N ARG B 241 -5.42 -11.07 -38.11
CA ARG B 241 -5.95 -11.18 -39.46
C ARG B 241 -4.86 -10.93 -40.51
N ARG B 242 -4.05 -9.89 -40.33
CA ARG B 242 -3.21 -9.40 -41.41
C ARG B 242 -1.84 -10.07 -41.45
N ARG B 243 -1.32 -10.51 -40.31
CA ARG B 243 0.01 -11.14 -40.25
C ARG B 243 -0.07 -12.37 -39.35
N PRO B 244 -0.87 -13.38 -39.74
CA PRO B 244 -1.17 -14.49 -38.83
C PRO B 244 0.03 -15.32 -38.41
N ARG B 245 0.99 -15.55 -39.32
CA ARG B 245 2.16 -16.34 -38.93
C ARG B 245 3.03 -15.58 -37.93
N ILE B 246 3.15 -14.26 -38.10
CA ILE B 246 3.85 -13.44 -37.12
C ILE B 246 3.09 -13.43 -35.79
N ALA B 247 1.76 -13.30 -35.84
CA ALA B 247 0.95 -13.28 -34.62
C ALA B 247 1.14 -14.55 -33.80
N GLU B 248 1.15 -15.71 -34.46
CA GLU B 248 1.37 -16.96 -33.75
C GLU B 248 2.80 -17.06 -33.24
N PHE B 249 3.77 -16.56 -34.00
CA PHE B 249 5.16 -16.61 -33.57
C PHE B 249 5.37 -15.77 -32.32
N VAL B 250 4.78 -14.58 -32.29
CA VAL B 250 4.89 -13.74 -31.11
C VAL B 250 4.07 -14.31 -29.96
N GLY B 251 2.87 -14.80 -30.25
CA GLY B 251 1.95 -15.24 -29.23
C GLY B 251 1.34 -14.08 -28.47
N PRO B 252 0.80 -14.34 -27.28
CA PRO B 252 0.09 -13.29 -26.54
C PRO B 252 0.96 -12.47 -25.61
N GLY B 253 2.21 -12.87 -25.39
CA GLY B 253 3.09 -12.15 -24.51
C GLY B 253 4.07 -11.28 -25.26
N SER B 254 5.37 -11.49 -25.00
CA SER B 254 6.38 -10.70 -25.67
C SER B 254 7.61 -11.58 -25.91
N LEU B 255 8.44 -11.14 -26.86
CA LEU B 255 9.73 -11.76 -27.07
C LEU B 255 10.80 -10.69 -27.24
N MET B 256 12.05 -11.08 -26.96
N MET B 256 12.05 -11.09 -27.00
CA MET B 256 13.20 -10.21 -27.06
CA MET B 256 13.18 -10.17 -27.11
C MET B 256 14.36 -11.02 -27.62
C MET B 256 14.40 -10.95 -27.58
N ALA B 257 14.96 -10.55 -28.72
CA ALA B 257 16.13 -11.20 -29.29
C ALA B 257 17.34 -10.32 -29.03
N LEU B 258 18.39 -10.90 -28.45
CA LEU B 258 19.53 -10.17 -27.94
C LEU B 258 20.74 -10.43 -28.83
N GLY B 259 21.22 -9.39 -29.50
CA GLY B 259 22.39 -9.52 -30.35
C GLY B 259 23.58 -8.75 -29.83
N ASP B 260 24.36 -8.19 -30.75
CA ASP B 260 25.61 -7.49 -30.42
C ASP B 260 25.28 -6.01 -30.32
N ASN B 261 25.08 -5.51 -29.10
CA ASN B 261 24.66 -4.13 -28.87
C ASN B 261 23.43 -3.77 -29.71
N LEU B 262 22.55 -4.76 -29.94
CA LEU B 262 21.41 -4.58 -30.83
C LEU B 262 20.39 -5.65 -30.48
N ASN B 263 19.19 -5.21 -30.08
CA ASN B 263 18.13 -6.12 -29.64
C ASN B 263 16.88 -5.88 -30.48
N LEU B 264 16.14 -6.95 -30.74
CA LEU B 264 14.87 -6.88 -31.46
C LEU B 264 13.76 -7.41 -30.55
N GLY B 265 12.72 -6.60 -30.34
CA GLY B 265 11.65 -6.98 -29.45
C GLY B 265 10.29 -6.88 -30.11
N ALA B 266 9.36 -7.68 -29.59
CA ALA B 266 7.97 -7.69 -30.03
C ALA B 266 7.08 -7.94 -28.82
N GLN B 267 6.00 -7.16 -28.72
CA GLN B 267 5.06 -7.30 -27.61
C GLN B 267 3.64 -7.27 -28.17
N ARG B 268 2.87 -8.30 -27.85
CA ARG B 268 1.47 -8.37 -28.27
C ARG B 268 0.60 -7.60 -27.27
N SER B 269 -0.33 -6.82 -27.81
CA SER B 269 -1.30 -6.10 -26.99
C SER B 269 -2.69 -6.70 -27.14
N GLY B 270 -3.53 -6.39 -26.14
CA GLY B 270 -4.92 -6.84 -26.13
C GLY B 270 -5.81 -6.18 -27.16
N ASP B 271 -5.31 -5.18 -27.90
CA ASP B 271 -6.11 -4.55 -28.95
C ASP B 271 -5.75 -5.09 -30.34
N GLY B 272 -5.13 -6.26 -30.40
CA GLY B 272 -4.80 -6.88 -31.66
C GLY B 272 -3.51 -6.43 -32.31
N THR B 273 -2.78 -5.51 -31.70
CA THR B 273 -1.57 -4.97 -32.29
C THR B 273 -0.32 -5.59 -31.67
N ILE B 274 0.73 -5.67 -32.48
CA ILE B 274 2.05 -6.10 -32.04
C ILE B 274 2.99 -4.91 -32.20
N ARG B 275 3.62 -4.50 -31.12
CA ARG B 275 4.62 -3.45 -31.17
C ARG B 275 5.99 -4.09 -31.37
N VAL B 276 6.75 -3.58 -32.34
CA VAL B 276 8.07 -4.10 -32.67
C VAL B 276 9.10 -3.03 -32.35
N SER B 277 10.17 -3.42 -31.66
CA SER B 277 11.17 -2.45 -31.24
C SER B 277 12.58 -2.86 -31.65
N VAL B 278 13.41 -1.84 -31.86
CA VAL B 278 14.84 -1.97 -32.11
C VAL B 278 15.57 -1.13 -31.06
N THR B 279 16.43 -1.77 -30.27
CA THR B 279 17.25 -1.07 -29.28
C THR B 279 18.71 -1.31 -29.64
N THR B 280 19.51 -0.25 -29.67
CA THR B 280 20.91 -0.41 -30.06
C THR B 280 21.77 0.59 -29.31
N ARG B 281 22.99 0.16 -28.96
CA ARG B 281 23.92 0.96 -28.15
C ARG B 281 24.68 1.87 -29.10
N VAL B 282 24.20 3.11 -29.25
CA VAL B 282 24.76 4.09 -30.19
C VAL B 282 24.79 5.45 -29.50
N ASP B 283 25.40 6.42 -30.17
CA ASP B 283 25.50 7.75 -29.59
C ASP B 283 24.20 8.53 -29.77
N ALA B 284 24.14 9.70 -29.12
CA ALA B 284 22.92 10.49 -29.04
C ALA B 284 22.43 10.98 -30.39
N ASP B 285 23.31 11.14 -31.37
CA ASP B 285 22.92 11.69 -32.66
C ASP B 285 22.55 10.63 -33.69
N TRP B 286 22.64 9.35 -33.32
CA TRP B 286 22.44 8.28 -34.29
C TRP B 286 21.04 8.30 -34.90
N VAL B 287 20.01 8.49 -34.06
CA VAL B 287 18.64 8.47 -34.55
C VAL B 287 18.44 9.55 -35.62
N ASP B 288 18.88 10.76 -35.33
CA ASP B 288 18.79 11.84 -36.30
C ASP B 288 19.55 11.52 -37.59
N ARG B 289 20.75 10.94 -37.46
CA ARG B 289 21.56 10.65 -38.65
C ARG B 289 20.88 9.69 -39.61
N GLN B 290 19.97 8.85 -39.13
CA GLN B 290 19.37 7.85 -40.01
C GLN B 290 18.32 8.46 -40.94
N GLY B 291 17.72 9.59 -40.57
CA GLY B 291 16.76 10.25 -41.44
C GLY B 291 15.52 9.43 -41.74
N PHE B 292 15.04 8.67 -40.77
CA PHE B 292 13.90 7.78 -40.99
C PHE B 292 12.63 8.55 -41.39
N GLY B 293 12.42 9.73 -40.80
CA GLY B 293 11.16 10.44 -40.98
C GLY B 293 10.91 10.95 -42.38
N ASP B 294 11.95 11.11 -43.18
CA ASP B 294 11.83 11.63 -44.53
C ASP B 294 12.04 10.59 -45.62
N ALA B 295 12.41 9.36 -45.25
CA ALA B 295 12.78 8.33 -46.20
C ALA B 295 11.56 7.52 -46.65
N GLU B 296 11.67 6.97 -47.86
CA GLU B 296 10.69 5.98 -48.31
C GLU B 296 10.74 4.74 -47.43
N TRP B 297 9.59 4.10 -47.25
CA TRP B 297 9.53 2.99 -46.30
C TRP B 297 10.38 1.83 -46.78
N GLY B 298 10.46 1.61 -48.09
CA GLY B 298 11.37 0.61 -48.61
C GLY B 298 12.79 0.84 -48.14
N ASP B 299 13.22 2.10 -48.07
CA ASP B 299 14.58 2.39 -47.64
C ASP B 299 14.75 2.15 -46.15
N VAL B 300 13.72 2.45 -45.35
CA VAL B 300 13.79 2.15 -43.92
C VAL B 300 13.92 0.65 -43.70
N VAL B 301 13.08 -0.13 -44.38
CA VAL B 301 13.12 -1.59 -44.22
C VAL B 301 14.49 -2.14 -44.60
N ALA B 302 15.04 -1.67 -45.73
CA ALA B 302 16.34 -2.16 -46.16
C ALA B 302 17.43 -1.76 -45.17
N ARG B 303 17.37 -0.50 -44.70
CA ARG B 303 18.32 -0.05 -43.70
C ARG B 303 18.23 -0.89 -42.42
N LEU B 304 17.02 -1.24 -41.99
CA LEU B 304 16.90 -2.06 -40.80
C LEU B 304 17.41 -3.48 -41.05
N HIS B 305 17.16 -4.02 -42.25
CA HIS B 305 17.71 -5.33 -42.58
C HIS B 305 19.23 -5.31 -42.58
N GLU B 306 19.83 -4.23 -43.08
CA GLU B 306 21.30 -4.09 -43.01
C GLU B 306 21.77 -4.03 -41.57
N LEU B 307 21.05 -3.27 -40.74
CA LEU B 307 21.36 -3.22 -39.32
C LEU B 307 21.38 -4.61 -38.72
N PHE B 308 20.39 -5.44 -39.06
CA PHE B 308 20.27 -6.80 -38.54
C PHE B 308 20.94 -7.84 -39.43
N ALA B 309 22.03 -7.47 -40.09
CA ALA B 309 22.70 -8.40 -41.00
C ALA B 309 23.20 -9.62 -40.26
N GLY B 310 23.00 -10.79 -40.85
CA GLY B 310 23.40 -12.05 -40.26
C GLY B 310 22.36 -12.68 -39.36
N TRP B 311 21.28 -11.97 -39.03
CA TRP B 311 20.27 -12.51 -38.15
C TRP B 311 19.38 -13.50 -38.91
N ASP B 312 18.73 -14.37 -38.15
CA ASP B 312 17.78 -15.32 -38.73
C ASP B 312 16.66 -14.58 -39.47
N ALA B 313 16.47 -14.92 -40.74
CA ALA B 313 15.49 -14.23 -41.57
C ALA B 313 14.06 -14.38 -41.03
N GLY B 314 13.82 -15.43 -40.23
CA GLY B 314 12.55 -15.52 -39.53
C GLY B 314 12.34 -14.38 -38.56
N LEU B 315 13.34 -14.13 -37.71
CA LEU B 315 13.25 -13.01 -36.77
C LEU B 315 13.08 -11.69 -37.51
N THR B 316 13.92 -11.44 -38.52
CA THR B 316 13.92 -10.14 -39.18
C THR B 316 12.71 -9.94 -40.07
N SER B 317 11.94 -10.99 -40.36
CA SER B 317 10.70 -10.80 -41.09
C SER B 317 9.69 -9.98 -40.31
N LEU B 318 9.89 -9.82 -38.99
CA LEU B 318 9.09 -8.90 -38.20
C LEU B 318 9.11 -7.49 -38.77
N ILE B 319 10.26 -7.06 -39.29
CA ILE B 319 10.42 -5.73 -39.87
C ILE B 319 9.48 -5.55 -41.04
N ASP B 320 9.50 -6.51 -41.98
CA ASP B 320 8.68 -6.41 -43.18
C ASP B 320 7.19 -6.49 -42.88
N ALA B 321 6.81 -7.07 -41.75
CA ALA B 321 5.41 -7.18 -41.39
C ALA B 321 4.83 -5.89 -40.83
N CYS B 322 5.65 -4.91 -40.50
CA CYS B 322 5.17 -3.73 -39.77
C CYS B 322 4.40 -2.77 -40.69
N ASP B 323 3.49 -2.02 -40.08
CA ASP B 323 2.75 -0.95 -40.75
C ASP B 323 3.72 0.02 -41.42
N PRO B 324 3.62 0.25 -42.72
CA PRO B 324 4.50 1.24 -43.36
C PRO B 324 4.27 2.63 -42.80
N GLY B 325 5.37 3.32 -42.44
CA GLY B 325 5.28 4.69 -41.97
C GLY B 325 5.15 4.87 -40.47
N SER B 326 5.18 3.79 -39.69
CA SER B 326 4.87 3.85 -38.26
C SER B 326 6.12 3.82 -37.37
N LEU B 327 7.25 4.34 -37.84
CA LEU B 327 8.46 4.30 -37.03
C LEU B 327 8.56 5.55 -36.16
N VAL B 328 8.74 5.35 -34.87
CA VAL B 328 9.03 6.42 -33.91
C VAL B 328 10.37 6.10 -33.26
N GLY B 329 11.30 7.06 -33.34
CA GLY B 329 12.62 6.91 -32.76
C GLY B 329 12.84 7.87 -31.59
N ARG B 330 13.62 7.42 -30.61
CA ARG B 330 13.86 8.23 -29.42
C ARG B 330 15.16 7.76 -28.77
N ASN B 331 15.73 8.64 -27.95
CA ASN B 331 16.91 8.31 -27.16
C ASN B 331 16.48 7.90 -25.76
N ILE B 332 17.06 6.81 -25.27
CA ILE B 332 16.89 6.39 -23.89
C ILE B 332 18.00 7.04 -23.06
N GLU B 333 17.60 7.70 -21.95
CA GLU B 333 18.53 8.44 -21.09
C GLU B 333 18.20 8.16 -19.63
N ALA B 334 19.12 8.56 -18.76
CA ALA B 334 18.91 8.33 -17.33
C ALA B 334 19.75 9.32 -16.53
N LEU B 335 19.18 9.83 -15.43
CA LEU B 335 19.98 10.55 -14.46
C LEU B 335 20.97 9.59 -13.81
N PRO B 336 22.14 10.07 -13.39
CA PRO B 336 23.09 9.20 -12.71
C PRO B 336 22.49 8.55 -11.48
N VAL B 337 22.87 7.29 -11.23
CA VAL B 337 22.34 6.55 -10.09
C VAL B 337 22.65 7.29 -8.79
N GLY B 338 21.66 7.33 -7.90
CA GLY B 338 21.83 8.02 -6.63
C GLY B 338 21.71 9.53 -6.71
N THR B 339 21.18 10.07 -7.80
CA THR B 339 21.00 11.52 -7.87
C THR B 339 20.10 11.98 -6.74
N ARG B 340 20.55 12.97 -5.99
N ARG B 340 20.55 12.97 -5.99
CA ARG B 340 19.76 13.59 -4.94
CA ARG B 340 19.77 13.58 -4.93
C ARG B 340 20.26 15.01 -4.77
C ARG B 340 20.18 15.05 -4.84
N TRP B 341 19.62 15.75 -3.86
CA TRP B 341 19.88 17.17 -3.72
C TRP B 341 19.43 17.61 -2.33
N PRO B 342 19.92 18.76 -1.86
CA PRO B 342 19.40 19.31 -0.60
C PRO B 342 17.93 19.69 -0.76
N SER B 343 17.11 19.26 0.22
CA SER B 343 15.70 19.60 0.21
C SER B 343 15.52 21.11 0.33
N ARG B 344 14.63 21.66 -0.45
CA ARG B 344 14.29 23.07 -0.41
C ARG B 344 12.90 23.26 0.20
N PRO B 345 12.60 24.44 0.75
CA PRO B 345 11.36 24.58 1.53
C PRO B 345 10.09 24.63 0.70
N ASP B 346 10.18 24.94 -0.60
CA ASP B 346 8.97 25.24 -1.35
C ASP B 346 8.97 24.70 -2.78
N VAL B 347 9.80 23.71 -3.09
CA VAL B 347 9.86 23.16 -4.45
C VAL B 347 10.42 21.75 -4.37
N THR B 348 9.89 20.85 -5.21
CA THR B 348 10.38 19.48 -5.28
C THR B 348 10.11 18.91 -6.68
N LEU B 349 10.45 17.64 -6.85
CA LEU B 349 10.30 16.93 -8.13
C LEU B 349 9.71 15.55 -7.89
N LEU B 350 9.06 15.01 -8.91
CA LEU B 350 8.59 13.61 -8.87
C LEU B 350 8.78 12.97 -10.25
N GLY B 351 8.67 11.64 -10.28
CA GLY B 351 8.64 10.94 -11.56
C GLY B 351 9.95 11.09 -12.32
N ASP B 352 9.85 11.23 -13.64
CA ASP B 352 11.06 11.32 -14.46
C ASP B 352 11.86 12.58 -14.16
N ALA B 353 11.19 13.67 -13.80
CA ALA B 353 11.91 14.88 -13.43
C ALA B 353 12.89 14.61 -12.29
N ALA B 354 12.46 13.78 -11.32
CA ALA B 354 13.27 13.48 -10.16
C ALA B 354 14.32 12.37 -10.40
N HIS B 355 13.98 11.32 -11.14
CA HIS B 355 14.83 10.12 -11.16
C HIS B 355 14.66 9.33 -12.44
N LEU B 356 14.75 10.01 -13.58
CA LEU B 356 14.65 9.38 -14.89
C LEU B 356 15.54 8.15 -15.00
N MET B 357 14.97 7.05 -15.46
CA MET B 357 15.66 5.78 -15.65
C MET B 357 15.29 5.19 -17.00
N PRO B 358 16.02 4.18 -17.47
CA PRO B 358 15.57 3.42 -18.64
C PRO B 358 14.26 2.71 -18.36
N PRO B 359 13.54 2.29 -19.42
CA PRO B 359 12.24 1.62 -19.22
C PRO B 359 12.24 0.48 -18.21
N VAL B 360 13.33 -0.29 -18.07
CA VAL B 360 13.32 -1.37 -17.08
C VAL B 360 13.17 -0.85 -15.67
N GLY B 361 13.40 0.45 -15.45
CA GLY B 361 13.12 1.00 -14.13
C GLY B 361 11.65 1.17 -13.81
N GLU B 362 10.76 0.91 -14.76
CA GLU B 362 9.31 1.02 -14.56
C GLU B 362 8.93 2.38 -14.00
N GLY B 363 9.30 3.42 -14.76
CA GLY B 363 9.15 4.79 -14.29
C GLY B 363 7.72 5.28 -14.23
N ALA B 364 6.81 4.69 -15.01
CA ALA B 364 5.40 5.04 -14.90
C ALA B 364 4.86 4.62 -13.53
N ASN B 365 5.17 3.40 -13.10
CA ASN B 365 4.77 2.93 -11.78
C ASN B 365 5.38 3.79 -10.69
N GLN B 366 6.66 4.14 -10.82
CA GLN B 366 7.32 4.93 -9.80
C GLN B 366 6.82 6.37 -9.77
N ALA B 367 6.46 6.93 -10.93
CA ALA B 367 5.97 8.31 -10.95
C ALA B 367 4.61 8.41 -10.26
N MET B 368 3.76 7.42 -10.48
CA MET B 368 2.47 7.39 -9.80
C MET B 368 2.65 7.16 -8.30
N LEU B 369 3.56 6.26 -7.90
CA LEU B 369 3.84 6.09 -6.48
C LEU B 369 4.34 7.38 -5.86
N ASP B 370 5.30 8.05 -6.51
CA ASP B 370 5.79 9.33 -6.02
C ASP B 370 4.63 10.30 -5.78
N GLY B 371 3.70 10.37 -6.74
CA GLY B 371 2.59 11.30 -6.62
C GLY B 371 1.73 11.07 -5.40
N VAL B 372 1.44 9.80 -5.09
CA VAL B 372 0.58 9.57 -3.94
C VAL B 372 1.35 9.69 -2.64
N LEU B 373 2.65 9.32 -2.64
CA LEU B 373 3.45 9.47 -1.44
C LEU B 373 3.67 10.94 -1.09
N LEU B 374 3.90 11.79 -2.10
CA LEU B 374 4.05 13.22 -1.83
C LEU B 374 2.74 13.83 -1.36
N ALA B 375 1.62 13.46 -1.98
CA ALA B 375 0.33 13.92 -1.49
C ALA B 375 0.09 13.50 -0.04
N ARG B 376 0.39 12.24 0.29
CA ARG B 376 0.27 11.83 1.67
C ARG B 376 1.16 12.65 2.59
N ALA B 377 2.33 13.08 2.10
CA ALA B 377 3.23 13.90 2.91
C ALA B 377 2.65 15.30 3.14
N PHE B 378 2.13 15.94 2.09
CA PHE B 378 1.48 17.23 2.28
C PHE B 378 0.34 17.14 3.30
N ALA B 379 -0.45 16.05 3.22
CA ALA B 379 -1.56 15.86 4.15
C ALA B 379 -1.09 15.57 5.57
N GLN B 380 0.11 15.02 5.73
CA GLN B 380 0.65 14.77 7.06
C GLN B 380 1.25 16.02 7.69
N HIS B 381 1.53 17.05 6.90
CA HIS B 381 2.15 18.27 7.40
C HIS B 381 1.46 19.50 6.80
N ARG B 382 0.16 19.62 7.06
CA ARG B 382 -0.65 20.62 6.38
C ARG B 382 -0.26 22.04 6.75
N ASP B 383 0.47 22.24 7.83
CA ASP B 383 0.90 23.57 8.26
C ASP B 383 2.39 23.81 8.00
N ASP B 384 3.07 22.88 7.33
CA ASP B 384 4.51 22.95 7.17
C ASP B 384 4.91 22.22 5.89
N PRO B 385 4.78 22.87 4.73
CA PRO B 385 5.11 22.19 3.48
C PRO B 385 6.59 21.86 3.36
N ALA B 386 7.45 22.59 4.06
CA ALA B 386 8.87 22.25 4.05
C ALA B 386 9.11 20.88 4.65
N ALA B 387 8.46 20.59 5.79
CA ALA B 387 8.59 19.28 6.40
C ALA B 387 8.01 18.19 5.52
N ALA B 388 6.88 18.47 4.84
CA ALA B 388 6.30 17.51 3.91
C ALA B 388 7.28 17.17 2.79
N ILE B 389 7.89 18.19 2.18
CA ILE B 389 8.83 17.96 1.10
C ILE B 389 10.02 17.13 1.57
N ALA B 390 10.52 17.41 2.78
CA ALA B 390 11.71 16.71 3.25
C ALA B 390 11.40 15.26 3.58
N ALA B 391 10.22 14.99 4.17
CA ALA B 391 9.83 13.62 4.46
C ALA B 391 9.65 12.82 3.17
N TYR B 392 8.93 13.41 2.21
CA TYR B 392 8.76 12.76 0.92
C TYR B 392 10.10 12.47 0.26
N GLU B 393 10.99 13.47 0.20
CA GLU B 393 12.25 13.30 -0.54
C GLU B 393 13.15 12.26 0.12
N THR B 394 13.18 12.20 1.45
CA THR B 394 14.02 11.20 2.11
C THR B 394 13.69 9.79 1.62
N GLU B 395 12.40 9.45 1.54
CA GLU B 395 12.00 8.14 1.07
C GLU B 395 12.23 8.00 -0.43
N MET B 396 11.89 9.03 -1.21
CA MET B 396 12.01 8.95 -2.66
C MET B 396 13.46 8.80 -3.10
N PHE B 397 14.39 9.54 -2.45
CA PHE B 397 15.80 9.43 -2.80
C PHE B 397 16.30 8.01 -2.57
N ASP B 398 15.91 7.41 -1.45
CA ASP B 398 16.39 6.07 -1.12
C ASP B 398 15.81 5.04 -2.07
N ARG B 399 14.51 5.13 -2.35
CA ARG B 399 13.88 4.22 -3.29
C ARG B 399 14.49 4.37 -4.69
N ALA B 400 14.72 5.62 -5.12
CA ALA B 400 15.33 5.85 -6.43
C ALA B 400 16.75 5.32 -6.50
N ALA B 401 17.49 5.36 -5.40
CA ALA B 401 18.85 4.83 -5.40
C ALA B 401 18.84 3.32 -5.59
N VAL B 402 17.92 2.63 -4.90
CA VAL B 402 17.88 1.18 -4.93
C VAL B 402 17.39 0.69 -6.29
N ILE B 403 16.30 1.29 -6.77
CA ILE B 403 15.74 0.89 -8.06
C ILE B 403 16.64 1.32 -9.21
N GLY B 404 17.28 2.50 -9.08
CA GLY B 404 18.20 2.94 -10.11
C GLY B 404 19.35 1.99 -10.32
N ALA B 405 19.96 1.54 -9.22
CA ALA B 405 21.09 0.63 -9.30
C ALA B 405 20.66 -0.71 -9.92
N LYS B 406 19.50 -1.23 -9.50
CA LYS B 406 19.02 -2.48 -10.06
C LYS B 406 18.78 -2.36 -11.56
N SER B 407 18.19 -1.23 -11.98
CA SER B 407 17.83 -1.04 -13.38
C SER B 407 19.07 -0.86 -14.24
N ALA B 408 20.09 -0.17 -13.73
CA ALA B 408 21.30 0.04 -14.51
C ALA B 408 22.01 -1.28 -14.75
N ARG B 409 22.00 -2.19 -13.78
CA ARG B 409 22.61 -3.49 -13.99
C ARG B 409 21.85 -4.27 -15.05
N ILE B 410 20.52 -4.21 -15.00
CA ILE B 410 19.71 -4.93 -15.97
C ILE B 410 19.88 -4.34 -17.37
N GLU B 411 19.87 -3.00 -17.48
CA GLU B 411 19.96 -2.36 -18.79
C GLU B 411 21.31 -2.62 -19.45
N SER B 412 22.39 -2.61 -18.66
CA SER B 412 23.69 -2.81 -19.27
C SER B 412 23.95 -4.28 -19.56
N MET B 413 23.36 -5.18 -18.79
CA MET B 413 23.51 -6.61 -19.05
C MET B 413 22.69 -7.04 -20.25
N GLY B 414 21.50 -6.44 -20.44
CA GLY B 414 20.61 -6.86 -21.51
C GLY B 414 20.90 -6.26 -22.87
N LEU B 415 21.75 -5.24 -22.93
CA LEU B 415 22.15 -4.60 -24.18
C LEU B 415 23.67 -4.49 -24.10
N ALA B 416 24.37 -5.38 -24.80
CA ALA B 416 25.81 -5.54 -24.64
C ALA B 416 26.35 -6.31 -25.83
N PRO B 417 27.65 -6.22 -26.10
CA PRO B 417 28.21 -7.01 -27.21
C PRO B 417 27.94 -8.49 -27.11
N ASP B 418 27.82 -9.04 -25.90
CA ASP B 418 27.66 -10.47 -25.67
C ASP B 418 26.44 -10.77 -24.82
N ALA B 419 25.34 -10.04 -25.06
CA ALA B 419 24.18 -10.13 -24.18
C ALA B 419 23.63 -11.56 -24.10
N ALA B 420 23.50 -12.21 -25.24
CA ALA B 420 22.97 -13.58 -25.22
C ALA B 420 23.91 -14.52 -24.44
N GLU B 421 25.22 -14.41 -24.67
CA GLU B 421 26.18 -15.24 -23.94
C GLU B 421 26.11 -14.98 -22.43
N ARG B 422 26.00 -13.71 -22.02
CA ARG B 422 25.89 -13.39 -20.59
C ARG B 422 24.67 -14.05 -19.96
N LEU B 423 23.53 -13.99 -20.63
CA LEU B 423 22.31 -14.57 -20.07
C LEU B 423 22.44 -16.09 -19.95
N ALA B 424 22.91 -16.74 -21.01
CA ALA B 424 23.11 -18.20 -20.97
C ALA B 424 24.11 -18.57 -19.88
N SER B 425 25.19 -17.79 -19.73
CA SER B 425 26.17 -18.08 -18.70
C SER B 425 25.59 -17.96 -17.31
N TYR B 426 24.73 -16.95 -17.10
CA TYR B 426 24.08 -16.77 -15.81
C TYR B 426 23.34 -18.05 -15.39
N PHE B 427 22.58 -18.65 -16.32
CA PHE B 427 21.86 -19.88 -15.99
C PHE B 427 22.79 -21.08 -15.91
N ASN B 428 23.82 -21.14 -16.75
CA ASN B 428 24.81 -22.21 -16.64
C ASN B 428 25.53 -22.16 -15.30
N ARG B 429 25.85 -20.96 -14.80
CA ARG B 429 26.51 -20.85 -13.51
C ARG B 429 25.63 -21.38 -12.38
N MET B 430 24.37 -20.93 -12.29
CA MET B 430 23.53 -21.40 -11.19
C MET B 430 23.31 -22.91 -11.22
N THR B 431 23.44 -23.53 -12.39
CA THR B 431 23.32 -24.98 -12.49
C THR B 431 24.29 -25.69 -11.54
N ALA B 432 25.50 -25.14 -11.40
CA ALA B 432 26.51 -25.74 -10.53
C ALA B 432 26.05 -25.79 -9.08
N ALA B 433 25.13 -24.92 -8.67
CA ALA B 433 24.62 -24.87 -7.31
C ALA B 433 23.46 -25.81 -7.06
N SER B 434 22.97 -26.52 -8.08
CA SER B 434 21.89 -27.47 -7.92
C SER B 434 22.25 -28.56 -6.91
#